data_3BIJ
#
_entry.id   3BIJ
#
_cell.length_a   121.718
_cell.length_b   121.718
_cell.length_c   219.038
_cell.angle_alpha   90.00
_cell.angle_beta   90.00
_cell.angle_gamma   90.00
#
_symmetry.space_group_name_H-M   'I 4 2 2'
#
loop_
_entity.id
_entity.type
_entity.pdbx_description
1 polymer 'Uncharacterized protein GSU0716'
2 water water
#
_entity_poly.entity_id   1
_entity_poly.type   'polypeptide(L)'
_entity_poly.pdbx_seq_one_letter_code
;(MSE)PKGIALALGLNAVDPKHYGGWAGKLNACEADAED(MSE)AAIAAERGFAVTTL(MSE)TKAATRAKVIDAIGKAA
KALGKGDIF(MSE)LSYSGHGGQVPDTSNDEPDGVDETWCLFDGELIDDELYALLGKFAAGVRVLVFSDSCHSGTVVK
(MSE)AYYNGTTAARSAGPDEGEIRYRA(MSE)PQSVA(MSE)RTYRANREFYDTIQQKTKKVDLADVKASILLISGCQD
NQLSQDGAFNGAFTGQLLRVWKNGLYKGSYRSFHKAIVRR(MSE)PPDQTPNFFTAGTPDPAFLKQRPFTVLEHHHHHH
;
_entity_poly.pdbx_strand_id   A,B,C
#
# COMPACT_ATOMS: atom_id res chain seq x y z
N PRO A 2 -4.26 41.04 12.59
CA PRO A 2 -3.18 40.03 12.64
C PRO A 2 -1.81 40.65 12.32
N LYS A 3 -0.83 40.45 13.18
CA LYS A 3 0.50 41.01 12.93
C LYS A 3 1.53 39.89 12.77
N GLY A 4 2.81 40.22 12.71
CA GLY A 4 3.80 39.17 12.54
C GLY A 4 5.20 39.49 12.99
N ILE A 5 5.85 38.51 13.64
CA ILE A 5 7.22 38.66 14.12
C ILE A 5 8.06 37.53 13.53
N ALA A 6 9.18 37.90 12.94
CA ALA A 6 10.07 36.93 12.35
C ALA A 6 11.45 36.98 13.00
N LEU A 7 12.09 35.81 13.09
CA LEU A 7 13.43 35.67 13.66
C LEU A 7 14.28 34.88 12.66
N ALA A 8 15.20 35.56 11.97
CA ALA A 8 16.05 34.91 11.00
C ALA A 8 17.39 34.64 11.66
N LEU A 9 17.78 33.37 11.73
CA LEU A 9 19.02 32.97 12.34
C LEU A 9 19.95 32.41 11.28
N GLY A 10 21.21 32.83 11.33
CA GLY A 10 22.19 32.34 10.38
C GLY A 10 23.55 32.27 11.04
N LEU A 11 24.16 31.08 11.04
CA LEU A 11 25.47 30.91 11.66
C LEU A 11 26.43 30.21 10.75
N ASN A 12 27.34 30.94 10.13
CA ASN A 12 28.28 30.23 9.29
C ASN A 12 29.62 30.09 10.01
N ALA A 13 29.53 30.02 11.34
CA ALA A 13 30.65 29.81 12.22
C ALA A 13 30.13 29.74 13.65
N VAL A 14 30.86 29.06 14.51
CA VAL A 14 30.49 28.94 15.92
C VAL A 14 31.75 29.14 16.76
N ASP A 15 31.57 29.25 18.08
CA ASP A 15 32.71 29.47 18.96
C ASP A 15 33.54 28.22 19.20
N PRO A 16 34.73 28.13 18.59
CA PRO A 16 35.57 26.94 18.78
C PRO A 16 35.97 26.74 20.24
N LYS A 17 35.92 27.82 21.00
CA LYS A 17 36.25 27.78 22.42
C LYS A 17 35.25 26.94 23.21
N HIS A 18 34.13 26.59 22.59
CA HIS A 18 33.13 25.77 23.26
C HIS A 18 32.98 24.43 22.55
N TYR A 19 33.12 24.44 21.23
CA TYR A 19 33.00 23.22 20.45
C TYR A 19 34.31 22.46 20.27
N GLY A 20 35.07 22.34 21.37
CA GLY A 20 36.33 21.62 21.32
C GLY A 20 37.25 21.98 20.17
N GLY A 21 37.33 23.26 19.82
CA GLY A 21 38.21 23.67 18.75
C GLY A 21 37.63 23.66 17.35
N TRP A 22 36.36 23.30 17.25
CA TRP A 22 35.68 23.26 15.95
C TRP A 22 35.00 24.60 15.71
N ALA A 23 35.20 25.17 14.53
CA ALA A 23 34.59 26.46 14.21
C ALA A 23 33.26 26.32 13.45
N GLY A 24 32.98 25.11 12.98
CA GLY A 24 31.75 24.85 12.25
C GLY A 24 31.54 25.85 11.12
N LYS A 25 32.61 26.13 10.39
CA LYS A 25 32.54 27.08 9.28
C LYS A 25 31.61 26.68 8.14
N LEU A 26 30.87 27.67 7.66
CA LEU A 26 29.94 27.52 6.54
C LEU A 26 29.91 28.86 5.85
N ASN A 27 29.49 28.92 4.60
CA ASN A 27 29.49 30.22 3.95
C ASN A 27 28.30 30.48 3.08
N ALA A 28 27.11 30.44 3.69
CA ALA A 28 25.86 30.68 2.99
C ALA A 28 24.73 30.79 3.99
N CYS A 29 25.03 30.55 5.26
CA CYS A 29 24.01 30.63 6.29
C CYS A 29 23.59 32.07 6.55
N GLU A 30 24.54 32.99 6.58
CA GLU A 30 24.18 34.38 6.81
C GLU A 30 23.38 34.90 5.61
N ALA A 31 23.73 34.42 4.43
CA ALA A 31 23.00 34.82 3.23
C ALA A 31 21.57 34.30 3.37
N ASP A 32 21.40 33.04 3.78
CA ASP A 32 20.07 32.47 3.95
C ASP A 32 19.21 33.32 4.89
N ALA A 33 19.78 33.72 6.01
CA ALA A 33 19.04 34.52 6.98
C ALA A 33 18.63 35.88 6.40
N GLU A 34 19.56 36.56 5.74
CA GLU A 34 19.27 37.85 5.13
C GLU A 34 18.13 37.69 4.12
N ASP A 35 18.22 36.67 3.27
CA ASP A 35 17.19 36.41 2.27
C ASP A 35 15.84 36.11 2.91
N ALA A 37 14.94 37.01 5.98
CA ALA A 37 14.55 38.25 6.65
C ALA A 37 14.00 39.26 5.64
N ALA A 38 14.59 39.28 4.45
CA ALA A 38 14.13 40.19 3.39
C ALA A 38 12.69 39.87 2.99
N ILE A 39 12.40 38.58 2.79
CA ILE A 39 11.05 38.17 2.42
C ILE A 39 10.10 38.52 3.56
N ALA A 40 10.49 38.20 4.79
CA ALA A 40 9.63 38.50 5.93
C ALA A 40 9.31 39.99 6.06
N ALA A 41 10.31 40.83 5.84
CA ALA A 41 10.11 42.27 5.94
C ALA A 41 9.14 42.75 4.88
N GLU A 42 9.30 42.24 3.67
CA GLU A 42 8.43 42.62 2.56
C GLU A 42 7.01 42.10 2.75
N ARG A 43 6.83 41.13 3.63
CA ARG A 43 5.52 40.56 3.90
C ARG A 43 4.83 41.23 5.09
N GLY A 44 5.50 42.18 5.73
CA GLY A 44 4.89 42.86 6.86
C GLY A 44 5.27 42.29 8.21
N PHE A 45 6.45 41.69 8.26
CA PHE A 45 6.98 41.08 9.48
C PHE A 45 7.92 42.04 10.23
N ALA A 46 7.89 41.99 11.55
CA ALA A 46 8.80 42.79 12.35
C ALA A 46 9.97 41.82 12.49
N VAL A 47 10.95 41.91 11.58
CA VAL A 47 12.08 41.01 11.58
C VAL A 47 13.28 41.39 12.45
N THR A 48 13.90 40.36 13.02
CA THR A 48 15.09 40.48 13.87
C THR A 48 16.07 39.45 13.33
N THR A 49 17.25 39.90 12.90
CA THR A 49 18.26 39.00 12.35
C THR A 49 19.43 38.78 13.32
N LEU A 50 19.83 37.52 13.48
CA LEU A 50 20.96 37.19 14.34
C LEU A 50 21.98 36.41 13.51
N THR A 52 25.68 34.55 13.16
CA THR A 52 26.70 33.83 13.93
C THR A 52 26.92 34.33 15.36
N LYS A 53 27.95 35.16 15.58
CA LYS A 53 28.25 35.67 16.92
C LYS A 53 27.03 36.16 17.67
N ALA A 54 26.08 36.70 16.93
CA ALA A 54 24.86 37.23 17.52
C ALA A 54 23.85 36.12 17.84
N ALA A 55 23.95 34.98 17.16
CA ALA A 55 23.00 33.88 17.40
C ALA A 55 23.42 33.00 18.57
N THR A 56 23.31 33.53 19.77
CA THR A 56 23.69 32.77 20.96
C THR A 56 22.49 32.13 21.64
N ARG A 57 22.74 31.22 22.58
CA ARG A 57 21.66 30.57 23.31
C ARG A 57 20.80 31.65 23.96
N ALA A 58 21.42 32.51 24.76
CA ALA A 58 20.68 33.57 25.45
C ALA A 58 19.78 34.42 24.54
N LYS A 59 20.37 35.01 23.49
CA LYS A 59 19.62 35.85 22.57
C LYS A 59 18.48 35.15 21.83
N VAL A 60 18.74 33.94 21.32
CA VAL A 60 17.73 33.17 20.61
C VAL A 60 16.58 32.81 21.54
N ILE A 61 16.90 32.29 22.73
CA ILE A 61 15.87 31.90 23.70
C ILE A 61 15.03 33.10 24.10
N ASP A 62 15.70 34.21 24.35
CA ASP A 62 15.04 35.45 24.74
C ASP A 62 14.16 36.02 23.63
N ALA A 63 14.65 36.02 22.39
CA ALA A 63 13.88 36.55 21.27
C ALA A 63 12.59 35.75 21.09
N ILE A 64 12.71 34.42 21.05
CA ILE A 64 11.54 33.58 20.88
C ILE A 64 10.60 33.82 22.06
N GLY A 65 11.18 33.98 23.25
CA GLY A 65 10.38 34.22 24.43
C GLY A 65 9.55 35.48 24.30
N LYS A 66 10.21 36.54 23.84
CA LYS A 66 9.55 37.81 23.66
C LYS A 66 8.33 37.59 22.76
N ALA A 67 8.58 37.04 21.57
CA ALA A 67 7.52 36.76 20.61
C ALA A 67 6.35 36.02 21.24
N ALA A 68 6.62 34.92 21.92
CA ALA A 68 5.56 34.14 22.53
C ALA A 68 4.64 34.99 23.41
N LYS A 69 5.21 36.03 24.03
CA LYS A 69 4.44 36.92 24.91
C LYS A 69 3.77 38.04 24.14
N ALA A 70 4.46 38.55 23.12
CA ALA A 70 3.91 39.64 22.32
C ALA A 70 2.66 39.29 21.52
N LEU A 71 2.82 38.43 20.52
CA LEU A 71 1.69 38.09 19.69
C LEU A 71 0.68 37.15 20.32
N GLY A 72 -0.55 37.22 19.82
CA GLY A 72 -1.62 36.40 20.32
C GLY A 72 -2.49 35.84 19.20
N LYS A 73 -3.66 35.34 19.58
CA LYS A 73 -4.62 34.74 18.66
C LYS A 73 -4.74 35.53 17.36
N GLY A 74 -4.45 34.85 16.25
CA GLY A 74 -4.54 35.50 14.96
C GLY A 74 -3.19 35.95 14.40
N ASP A 75 -2.22 36.20 15.28
CA ASP A 75 -0.93 36.64 14.81
C ASP A 75 -0.14 35.46 14.28
N ILE A 76 1.09 35.72 13.85
CA ILE A 76 1.95 34.67 13.32
C ILE A 76 3.44 34.92 13.59
N PHE A 77 4.11 33.88 14.08
CA PHE A 77 5.53 33.95 14.36
C PHE A 77 6.29 33.15 13.31
N LEU A 79 10.04 31.61 12.26
CA LEU A 79 11.41 31.28 12.68
C LEU A 79 12.15 30.56 11.57
N SER A 80 13.23 31.16 11.09
CA SER A 80 14.02 30.52 10.06
C SER A 80 15.40 30.31 10.65
N TYR A 81 16.05 29.20 10.27
CA TYR A 81 17.37 28.89 10.80
C TYR A 81 18.28 28.19 9.81
N SER A 82 19.48 28.73 9.68
CA SER A 82 20.49 28.13 8.82
C SER A 82 21.73 28.01 9.67
N GLY A 83 22.13 26.77 9.91
CA GLY A 83 23.31 26.50 10.71
C GLY A 83 23.49 25.01 10.79
N HIS A 84 24.38 24.56 11.66
CA HIS A 84 24.65 23.14 11.82
C HIS A 84 23.64 22.53 12.77
N GLY A 85 23.41 21.23 12.58
CA GLY A 85 22.50 20.51 13.44
C GLY A 85 23.38 19.69 14.34
N GLY A 86 23.16 19.72 15.65
CA GLY A 86 24.01 18.96 16.54
C GLY A 86 23.34 17.78 17.21
N GLN A 87 24.13 17.05 17.98
CA GLN A 87 23.63 15.90 18.71
C GLN A 87 24.41 15.84 20.01
N VAL A 88 23.69 15.62 21.11
CA VAL A 88 24.32 15.50 22.41
C VAL A 88 23.90 14.12 22.92
N PRO A 89 24.85 13.37 23.49
CA PRO A 89 24.53 12.03 24.00
C PRO A 89 23.37 11.96 24.97
N ASP A 90 22.56 10.93 24.73
CA ASP A 90 21.37 10.62 25.53
C ASP A 90 21.81 9.63 26.61
N THR A 91 22.31 10.18 27.70
CA THR A 91 22.80 9.41 28.84
C THR A 91 21.72 8.58 29.53
N SER A 92 20.58 8.37 28.85
CA SER A 92 19.47 7.57 29.38
C SER A 92 19.62 6.09 29.00
N ASN A 93 20.19 5.84 27.83
CA ASN A 93 20.38 4.50 27.35
C ASN A 93 21.86 4.27 27.11
N ASP A 94 22.19 3.11 26.58
CA ASP A 94 23.58 2.79 26.32
C ASP A 94 23.84 2.77 24.82
N GLU A 95 22.79 2.97 24.04
CA GLU A 95 22.91 2.95 22.59
C GLU A 95 23.84 4.03 22.06
N PRO A 96 24.96 3.63 21.45
CA PRO A 96 25.96 4.53 20.87
C PRO A 96 25.36 5.64 20.00
N ASP A 97 24.23 5.33 19.38
CA ASP A 97 23.55 6.30 18.54
C ASP A 97 22.33 6.94 19.20
N GLY A 98 22.18 6.69 20.50
CA GLY A 98 21.07 7.26 21.24
C GLY A 98 21.47 8.67 21.65
N VAL A 99 20.95 9.66 20.94
CA VAL A 99 21.29 11.04 21.21
C VAL A 99 20.09 11.99 21.05
N ASP A 100 20.32 13.27 21.34
CA ASP A 100 19.29 14.30 21.20
C ASP A 100 19.74 15.30 20.13
N GLU A 101 18.85 15.56 19.18
CA GLU A 101 19.17 16.51 18.13
C GLU A 101 19.21 17.92 18.68
N THR A 102 20.06 18.76 18.09
CA THR A 102 20.21 20.12 18.56
C THR A 102 20.54 21.08 17.42
N TRP A 103 20.55 22.36 17.74
CA TRP A 103 20.92 23.38 16.79
C TRP A 103 22.26 23.87 17.33
N CYS A 104 23.25 23.98 16.45
CA CYS A 104 24.55 24.42 16.93
C CYS A 104 24.64 25.93 16.88
N LEU A 105 24.29 26.53 18.01
CA LEU A 105 24.35 27.97 18.09
C LEU A 105 25.79 28.36 18.43
N PHE A 106 26.12 29.62 18.25
CA PHE A 106 27.48 30.08 18.49
C PHE A 106 27.92 29.80 19.91
N ASP A 107 27.03 30.14 20.84
CA ASP A 107 27.25 29.97 22.26
C ASP A 107 27.41 28.49 22.68
N GLY A 108 26.58 27.63 22.07
CA GLY A 108 26.58 26.21 22.37
C GLY A 108 25.38 25.59 21.68
N GLU A 109 25.01 24.37 22.07
CA GLU A 109 23.88 23.71 21.42
C GLU A 109 22.55 23.93 22.11
N LEU A 110 21.51 24.08 21.32
CA LEU A 110 20.18 24.27 21.84
C LEU A 110 19.48 22.94 21.62
N ILE A 111 19.21 22.21 22.69
CA ILE A 111 18.55 20.90 22.56
C ILE A 111 17.15 21.05 21.97
N ASP A 112 16.82 20.16 21.04
CA ASP A 112 15.51 20.21 20.40
C ASP A 112 14.36 20.40 21.39
N ASP A 113 14.50 19.85 22.59
CA ASP A 113 13.46 20.00 23.58
C ASP A 113 13.32 21.44 24.04
N GLU A 114 14.44 22.15 24.17
CA GLU A 114 14.38 23.54 24.59
C GLU A 114 13.62 24.37 23.56
N LEU A 115 13.84 24.09 22.28
CA LEU A 115 13.16 24.80 21.19
C LEU A 115 11.68 24.42 21.18
N TYR A 116 11.43 23.11 21.24
CA TYR A 116 10.06 22.64 21.24
C TYR A 116 9.29 23.28 22.38
N ALA A 117 9.89 23.35 23.56
CA ALA A 117 9.21 23.94 24.72
C ALA A 117 8.92 25.42 24.47
N LEU A 118 9.88 26.12 23.88
CA LEU A 118 9.72 27.53 23.57
C LEU A 118 8.53 27.72 22.63
N LEU A 119 8.43 26.86 21.62
CA LEU A 119 7.32 26.96 20.68
C LEU A 119 5.99 26.70 21.37
N GLY A 120 6.04 25.97 22.48
CA GLY A 120 4.83 25.64 23.22
C GLY A 120 4.34 26.79 24.07
N LYS A 121 5.12 27.86 24.14
CA LYS A 121 4.74 29.02 24.94
C LYS A 121 3.90 30.04 24.17
N PHE A 122 3.62 29.74 22.91
CA PHE A 122 2.82 30.64 22.07
C PHE A 122 1.33 30.47 22.31
N ALA A 123 0.58 31.53 22.02
CA ALA A 123 -0.88 31.55 22.19
C ALA A 123 -1.57 30.40 21.47
N ALA A 124 -2.89 30.34 21.58
CA ALA A 124 -3.65 29.27 20.96
C ALA A 124 -3.93 29.48 19.47
N GLY A 125 -4.41 30.65 19.11
CA GLY A 125 -4.71 30.89 17.70
C GLY A 125 -3.56 31.52 16.94
N VAL A 126 -2.34 31.31 17.40
CA VAL A 126 -1.18 31.90 16.72
C VAL A 126 -0.53 30.86 15.78
N ARG A 127 -0.18 31.32 14.58
CA ARG A 127 0.46 30.47 13.58
C ARG A 127 1.96 30.57 13.76
N VAL A 128 2.63 29.42 13.79
CA VAL A 128 4.09 29.38 13.96
C VAL A 128 4.70 28.72 12.72
N LEU A 129 5.41 29.51 11.92
CA LEU A 129 6.04 29.01 10.70
C LEU A 129 7.54 28.88 10.93
N VAL A 130 8.07 27.67 10.80
CA VAL A 130 9.51 27.42 11.02
C VAL A 130 10.25 26.86 9.80
N PHE A 131 11.33 27.52 9.40
CA PHE A 131 12.15 27.03 8.29
C PHE A 131 13.50 26.64 8.88
N SER A 132 13.90 25.38 8.71
CA SER A 132 15.18 24.94 9.23
C SER A 132 16.01 24.34 8.10
N ASP A 133 16.91 25.12 7.52
CA ASP A 133 17.77 24.64 6.43
C ASP A 133 19.00 24.07 7.10
N SER A 134 18.80 22.95 7.77
CA SER A 134 19.86 22.28 8.51
C SER A 134 19.60 20.77 8.49
N CYS A 135 20.48 20.01 9.13
CA CYS A 135 20.36 18.56 9.18
C CYS A 135 21.08 18.01 10.41
N HIS A 136 21.07 16.69 10.56
CA HIS A 136 21.73 16.05 11.69
C HIS A 136 22.54 14.85 11.24
N SER A 137 23.64 14.55 11.94
CA SER A 137 24.47 13.41 11.57
C SER A 137 23.64 12.13 11.61
N GLY A 138 22.63 12.10 12.46
CA GLY A 138 21.82 10.91 12.57
C GLY A 138 22.65 9.75 13.11
N THR A 139 22.38 8.55 12.61
CA THR A 139 23.09 7.36 13.06
C THR A 139 24.18 6.96 12.06
N VAL A 140 24.95 5.92 12.42
CA VAL A 140 26.02 5.44 11.56
C VAL A 140 25.51 5.02 10.18
N VAL A 141 24.24 4.60 10.10
CA VAL A 141 23.68 4.20 8.82
C VAL A 141 23.65 5.36 7.82
N LYS A 142 23.36 6.56 8.32
CA LYS A 142 23.32 7.74 7.46
C LYS A 142 24.73 8.01 7.01
N ALA A 144 27.02 5.92 6.76
CA ALA A 144 27.35 4.83 5.85
C ALA A 144 26.95 5.17 4.41
N TYR A 145 25.68 5.51 4.21
CA TYR A 145 25.19 5.86 2.89
C TYR A 145 25.91 7.06 2.30
N TYR A 146 26.22 8.05 3.12
CA TYR A 146 26.90 9.25 2.65
C TYR A 146 28.41 9.12 2.51
N ASN A 147 28.94 7.91 2.64
CA ASN A 147 30.39 7.72 2.47
C ASN A 147 30.75 7.28 1.04
N GLY A 148 29.73 6.97 0.25
CA GLY A 148 29.95 6.54 -1.13
C GLY A 148 28.87 7.01 -2.09
N ILE A 162 31.63 20.30 -1.35
CA ILE A 162 30.34 19.80 -0.87
C ILE A 162 30.22 19.73 0.66
N ARG A 163 29.72 20.80 1.26
CA ARG A 163 29.54 20.89 2.71
C ARG A 163 28.11 20.65 3.14
N TYR A 164 27.95 19.93 4.25
CA TYR A 164 26.64 19.64 4.78
C TYR A 164 26.51 20.36 6.14
N ARG A 165 25.31 20.83 6.44
CA ARG A 165 25.08 21.56 7.67
C ARG A 165 24.83 20.68 8.88
N ALA A 166 25.71 19.71 9.07
CA ALA A 166 25.61 18.81 10.21
C ALA A 166 26.96 18.74 10.90
N PRO A 168 29.98 17.13 12.63
CA PRO A 168 30.51 15.77 12.58
C PRO A 168 30.42 15.07 13.94
N GLN A 169 30.06 13.79 13.92
CA GLN A 169 29.90 13.02 15.14
C GLN A 169 31.08 13.13 16.11
N SER A 170 32.29 13.15 15.57
CA SER A 170 33.44 13.25 16.44
C SER A 170 33.38 14.53 17.27
N VAL A 171 33.11 15.65 16.61
CA VAL A 171 33.01 16.94 17.27
C VAL A 171 31.85 16.95 18.26
N ALA A 172 30.74 16.30 17.90
CA ALA A 172 29.58 16.27 18.77
C ALA A 172 29.92 15.68 20.13
N ARG A 174 33.11 15.16 21.33
CA ARG A 174 34.18 15.93 21.90
C ARG A 174 33.60 17.18 22.60
N THR A 175 32.67 17.85 21.94
CA THR A 175 32.02 19.04 22.51
C THR A 175 31.30 18.65 23.79
N TYR A 176 30.65 17.50 23.78
CA TYR A 176 29.94 17.05 24.97
C TYR A 176 30.92 16.85 26.12
N ARG A 177 31.96 16.05 25.88
CA ARG A 177 32.96 15.79 26.92
C ARG A 177 33.55 17.07 27.48
N ALA A 178 33.90 18.00 26.59
CA ALA A 178 34.49 19.27 27.01
C ALA A 178 33.54 20.15 27.79
N ASN A 179 32.26 19.79 27.80
CA ASN A 179 31.25 20.56 28.50
C ASN A 179 30.26 19.66 29.21
N ARG A 180 30.77 18.59 29.81
CA ARG A 180 29.96 17.62 30.55
C ARG A 180 28.86 18.20 31.45
N GLU A 181 29.28 18.98 32.44
CA GLU A 181 28.36 19.57 33.39
C GLU A 181 27.34 20.49 32.71
N PHE A 182 27.80 21.27 31.73
CA PHE A 182 26.91 22.18 31.03
C PHE A 182 25.70 21.48 30.38
N TYR A 183 25.96 20.50 29.52
CA TYR A 183 24.88 19.80 28.84
C TYR A 183 24.10 18.87 29.75
N ASP A 184 24.78 18.29 30.74
CA ASP A 184 24.08 17.40 31.64
C ASP A 184 23.04 18.19 32.42
N THR A 185 23.37 19.43 32.78
CA THR A 185 22.43 20.26 33.51
C THR A 185 21.22 20.57 32.65
N ILE A 186 21.49 20.99 31.42
CA ILE A 186 20.44 21.32 30.46
C ILE A 186 19.54 20.12 30.24
N GLN A 187 20.15 18.96 30.02
CA GLN A 187 19.43 17.72 29.76
C GLN A 187 18.51 17.31 30.91
N GLN A 188 18.84 17.74 32.13
CA GLN A 188 18.05 17.40 33.33
C GLN A 188 17.00 18.43 33.72
N LYS A 189 17.16 19.66 33.24
CA LYS A 189 16.22 20.73 33.55
C LYS A 189 15.30 21.03 32.35
N THR A 190 15.37 20.20 31.32
CA THR A 190 14.53 20.37 30.14
C THR A 190 13.70 19.11 29.91
N LYS A 191 12.51 19.07 30.49
CA LYS A 191 11.61 17.94 30.35
C LYS A 191 11.15 17.90 28.91
N LYS A 192 11.01 16.69 28.37
CA LYS A 192 10.59 16.49 26.99
C LYS A 192 9.15 16.99 26.77
N VAL A 193 8.82 17.30 25.53
CA VAL A 193 7.49 17.78 25.18
C VAL A 193 7.06 17.31 23.81
N ASP A 194 5.76 17.15 23.63
CA ASP A 194 5.19 16.68 22.36
C ASP A 194 4.66 17.83 21.51
N LEU A 195 5.30 18.08 20.36
CA LEU A 195 4.87 19.15 19.48
C LEU A 195 3.41 19.06 19.03
N ALA A 196 2.82 17.88 19.19
CA ALA A 196 1.42 17.70 18.80
C ALA A 196 0.47 18.07 19.93
N ASP A 197 1.01 18.72 20.95
CA ASP A 197 0.19 19.12 22.10
C ASP A 197 0.15 20.63 22.31
N VAL A 198 1.16 21.32 21.78
CA VAL A 198 1.25 22.76 21.91
C VAL A 198 -0.05 23.40 21.43
N LYS A 199 -0.44 24.50 22.04
CA LYS A 199 -1.66 25.18 21.65
C LYS A 199 -1.57 25.81 20.27
N ALA A 200 -0.42 26.40 19.97
CA ALA A 200 -0.22 27.06 18.68
C ALA A 200 -0.16 26.08 17.50
N SER A 201 -0.41 26.59 16.29
CA SER A 201 -0.36 25.74 15.08
C SER A 201 1.04 25.78 14.50
N ILE A 202 1.76 24.67 14.61
CA ILE A 202 3.12 24.61 14.10
C ILE A 202 3.19 24.03 12.67
N LEU A 203 3.97 24.68 11.81
CA LEU A 203 4.18 24.23 10.45
C LEU A 203 5.68 24.33 10.31
N LEU A 204 6.33 23.18 10.43
CA LEU A 204 7.79 23.08 10.37
C LEU A 204 8.23 22.55 9.00
N ILE A 205 8.97 23.36 8.26
CA ILE A 205 9.49 22.97 6.96
C ILE A 205 11.00 22.94 7.06
N SER A 206 11.58 21.74 7.05
CA SER A 206 13.02 21.58 7.15
C SER A 206 13.66 21.32 5.79
N GLY A 207 14.98 21.51 5.72
CA GLY A 207 15.70 21.32 4.48
C GLY A 207 15.83 19.89 3.98
N CYS A 208 15.68 18.92 4.87
CA CYS A 208 15.81 17.53 4.45
C CYS A 208 15.10 16.55 5.39
N GLN A 209 15.12 15.27 5.02
CA GLN A 209 14.51 14.20 5.80
C GLN A 209 15.50 13.76 6.88
N ASP A 210 14.98 13.05 7.89
CA ASP A 210 15.79 12.55 9.00
C ASP A 210 16.90 11.60 8.58
N ASN A 211 16.76 11.00 7.40
CA ASN A 211 17.77 10.10 6.91
C ASN A 211 18.63 10.78 5.84
N GLN A 212 18.49 12.10 5.72
CA GLN A 212 19.27 12.82 4.72
C GLN A 212 20.11 13.91 5.37
N LEU A 213 20.89 14.62 4.56
CA LEU A 213 21.72 15.71 5.03
C LEU A 213 21.40 16.92 4.18
N SER A 214 21.56 18.10 4.76
CA SER A 214 21.29 19.35 4.05
C SER A 214 22.56 19.97 3.53
N GLN A 215 22.58 20.27 2.24
CA GLN A 215 23.75 20.83 1.62
C GLN A 215 23.92 22.33 1.79
N ASP A 216 25.14 22.76 2.10
CA ASP A 216 25.44 24.16 2.26
C ASP A 216 26.05 24.67 0.95
N GLY A 217 25.28 25.44 0.21
CA GLY A 217 25.78 25.98 -1.05
C GLY A 217 26.78 27.10 -0.81
N ALA A 218 27.30 27.68 -1.89
CA ALA A 218 28.27 28.77 -1.75
C ALA A 218 27.61 30.13 -1.49
N PHE A 219 26.34 30.28 -1.88
CA PHE A 219 25.62 31.54 -1.67
C PHE A 219 24.30 31.46 -0.90
N ASN A 220 23.91 30.24 -0.55
CA ASN A 220 22.74 29.94 0.26
C ASN A 220 22.53 28.43 0.23
N GLY A 221 21.84 27.92 1.24
CA GLY A 221 21.61 26.50 1.33
C GLY A 221 20.92 25.96 0.09
N ALA A 222 21.07 24.67 -0.16
CA ALA A 222 20.43 24.08 -1.31
C ALA A 222 18.92 24.32 -1.19
N PHE A 223 18.38 24.03 -0.01
CA PHE A 223 16.95 24.21 0.22
C PHE A 223 16.54 25.69 0.07
N THR A 224 17.18 26.56 0.83
CA THR A 224 16.86 27.98 0.78
C THR A 224 16.96 28.54 -0.65
N GLY A 225 17.98 28.12 -1.37
CA GLY A 225 18.15 28.60 -2.74
C GLY A 225 16.94 28.27 -3.59
N GLN A 226 16.41 27.06 -3.47
CA GLN A 226 15.26 26.68 -4.26
C GLN A 226 13.99 27.31 -3.70
N LEU A 227 13.97 27.59 -2.40
CA LEU A 227 12.81 28.25 -1.81
C LEU A 227 12.72 29.62 -2.49
N LEU A 228 13.84 30.35 -2.54
CA LEU A 228 13.85 31.66 -3.17
C LEU A 228 13.52 31.58 -4.67
N ARG A 229 13.92 30.50 -5.32
CA ARG A 229 13.65 30.39 -6.74
C ARG A 229 12.15 30.20 -7.07
N VAL A 230 11.43 29.42 -6.27
CA VAL A 230 10.00 29.23 -6.55
C VAL A 230 9.24 30.42 -6.03
N TRP A 231 9.72 31.03 -4.95
CA TRP A 231 9.02 32.19 -4.42
C TRP A 231 9.13 33.32 -5.45
N LYS A 232 10.19 33.27 -6.26
CA LYS A 232 10.44 34.26 -7.30
C LYS A 232 10.13 35.71 -6.94
N ASN A 233 10.75 36.19 -5.87
CA ASN A 233 10.58 37.58 -5.41
C ASN A 233 9.13 37.98 -5.20
N GLY A 234 8.33 37.07 -4.64
CA GLY A 234 6.94 37.38 -4.37
C GLY A 234 5.94 37.17 -5.49
N LEU A 235 6.37 36.55 -6.58
CA LEU A 235 5.46 36.30 -7.69
C LEU A 235 4.77 34.95 -7.56
N TYR A 236 5.12 34.18 -6.53
CA TYR A 236 4.52 32.86 -6.35
C TYR A 236 3.06 32.91 -5.90
N LYS A 237 2.23 32.14 -6.60
CA LYS A 237 0.81 32.06 -6.27
C LYS A 237 0.52 30.63 -5.78
N GLY A 238 -0.07 30.50 -4.60
CA GLY A 238 -0.37 29.18 -4.09
C GLY A 238 -0.36 29.05 -2.58
N SER A 239 -0.64 27.84 -2.09
CA SER A 239 -0.67 27.58 -0.64
C SER A 239 0.69 27.04 -0.16
N TYR A 240 0.80 26.85 1.15
CA TYR A 240 2.04 26.33 1.71
C TYR A 240 2.32 24.94 1.14
N ARG A 241 1.28 24.12 1.04
CA ARG A 241 1.47 22.77 0.51
C ARG A 241 2.01 22.86 -0.89
N SER A 242 1.39 23.69 -1.73
CA SER A 242 1.87 23.82 -3.10
C SER A 242 3.28 24.38 -3.14
N PHE A 243 3.58 25.29 -2.22
CA PHE A 243 4.90 25.91 -2.15
C PHE A 243 5.92 24.80 -1.92
N HIS A 244 5.65 23.99 -0.91
CA HIS A 244 6.50 22.88 -0.54
C HIS A 244 6.66 21.90 -1.71
N LYS A 245 5.55 21.47 -2.31
CA LYS A 245 5.61 20.53 -3.43
C LYS A 245 6.41 21.04 -4.62
N ALA A 246 6.32 22.35 -4.86
CA ALA A 246 7.07 22.97 -5.97
C ALA A 246 8.57 22.99 -5.68
N ILE A 247 8.93 23.09 -4.42
CA ILE A 247 10.34 23.12 -4.05
C ILE A 247 10.92 21.71 -4.17
N VAL A 248 10.33 20.76 -3.47
CA VAL A 248 10.84 19.40 -3.52
C VAL A 248 10.96 18.90 -4.96
N ARG A 249 10.08 19.36 -5.84
CA ARG A 249 10.13 18.93 -7.22
C ARG A 249 11.46 19.27 -7.87
N ARG A 250 12.07 20.37 -7.44
CA ARG A 250 13.34 20.84 -7.99
C ARG A 250 14.57 20.28 -7.28
N PRO A 252 17.15 17.56 -5.38
CA PRO A 252 17.71 16.25 -5.70
C PRO A 252 17.13 15.19 -4.76
N PRO A 253 17.03 13.93 -5.22
CA PRO A 253 16.48 12.85 -4.40
C PRO A 253 17.18 12.57 -3.07
N ASP A 254 18.43 13.01 -2.95
CA ASP A 254 19.22 12.78 -1.73
C ASP A 254 18.98 13.91 -0.71
N GLN A 255 18.17 14.89 -1.09
CA GLN A 255 17.82 16.01 -0.21
C GLN A 255 16.39 16.47 -0.48
N THR A 256 15.47 16.07 0.39
CA THR A 256 14.07 16.43 0.23
C THR A 256 13.56 17.18 1.45
N PRO A 257 13.19 18.46 1.29
CA PRO A 257 12.69 19.19 2.45
C PRO A 257 11.39 18.56 2.93
N ASN A 258 11.17 18.61 4.24
CA ASN A 258 9.99 18.03 4.85
C ASN A 258 8.93 19.03 5.27
N PHE A 259 7.68 18.57 5.21
CA PHE A 259 6.53 19.37 5.58
C PHE A 259 5.86 18.71 6.80
N PHE A 260 6.18 19.22 7.99
CA PHE A 260 5.67 18.68 9.25
C PHE A 260 4.76 19.67 9.99
N THR A 261 3.59 19.19 10.43
CA THR A 261 2.64 20.04 11.16
C THR A 261 2.46 19.49 12.58
N ALA A 262 2.38 20.37 13.57
CA ALA A 262 2.20 19.95 14.93
C ALA A 262 1.26 20.92 15.65
N GLY A 263 0.92 20.61 16.90
CA GLY A 263 0.04 21.48 17.65
C GLY A 263 -1.41 21.43 17.19
N THR A 264 -2.17 22.48 17.50
CA THR A 264 -3.56 22.53 17.11
C THR A 264 -3.70 22.70 15.59
N PRO A 265 -4.32 21.72 14.91
CA PRO A 265 -4.50 21.80 13.46
C PRO A 265 -5.18 23.11 13.02
N ASP A 266 -4.73 23.65 11.90
CA ASP A 266 -5.28 24.88 11.36
C ASP A 266 -5.25 24.81 9.85
N PRO A 267 -6.27 24.17 9.24
CA PRO A 267 -6.34 24.04 7.79
C PRO A 267 -6.33 25.38 7.06
N ALA A 268 -6.85 26.42 7.70
CA ALA A 268 -6.87 27.74 7.06
C ALA A 268 -5.45 28.27 6.91
N PHE A 269 -4.61 27.96 7.89
CA PHE A 269 -3.21 28.39 7.91
C PHE A 269 -2.41 27.69 6.79
N LEU A 270 -2.54 26.38 6.69
CA LEU A 270 -1.83 25.63 5.66
C LEU A 270 -2.36 25.96 4.27
N LYS A 271 -3.50 26.62 4.22
CA LYS A 271 -4.13 27.00 2.96
C LYS A 271 -3.73 28.40 2.50
N GLN A 272 -3.15 29.18 3.42
CA GLN A 272 -2.72 30.55 3.10
C GLN A 272 -1.52 30.57 2.16
N ARG A 273 -1.12 31.76 1.76
CA ARG A 273 0.04 31.93 0.88
C ARG A 273 1.27 31.80 1.79
N PRO A 274 2.31 31.09 1.33
CA PRO A 274 3.54 30.86 2.09
C PRO A 274 4.04 31.89 3.11
N PHE A 275 3.79 33.19 2.96
CA PHE A 275 4.29 34.10 3.99
C PHE A 275 3.28 35.10 4.47
N THR A 276 2.03 34.67 4.44
CA THR A 276 0.92 35.52 4.80
C THR A 276 0.82 35.96 6.26
N VAL A 277 0.61 37.26 6.41
CA VAL A 277 0.41 37.88 7.70
C VAL A 277 -1.05 38.28 7.70
N LEU A 278 -1.50 38.87 6.59
CA LEU A 278 -2.90 39.30 6.43
C LEU A 278 -3.56 38.60 5.25
N GLU A 279 -4.51 37.71 5.55
CA GLU A 279 -5.22 36.94 4.55
C GLU A 279 -5.70 37.80 3.37
N PRO B 2 -14.59 -3.82 17.62
CA PRO B 2 -13.92 -2.92 16.64
C PRO B 2 -13.47 -3.76 15.46
N LYS B 3 -14.18 -3.65 14.33
CA LYS B 3 -13.82 -4.42 13.16
C LYS B 3 -12.85 -3.73 12.21
N GLY B 4 -11.94 -4.53 11.67
CA GLY B 4 -10.96 -4.03 10.74
C GLY B 4 -11.00 -4.80 9.42
N ILE B 5 -10.89 -4.05 8.32
CA ILE B 5 -10.88 -4.63 6.97
C ILE B 5 -9.61 -4.16 6.27
N ALA B 6 -8.88 -5.12 5.70
CA ALA B 6 -7.65 -4.81 5.01
C ALA B 6 -7.73 -5.25 3.55
N LEU B 7 -7.07 -4.50 2.67
CA LEU B 7 -7.01 -4.78 1.24
C LEU B 7 -5.54 -4.73 0.81
N ALA B 8 -4.95 -5.89 0.57
CA ALA B 8 -3.55 -5.97 0.15
C ALA B 8 -3.53 -6.11 -1.37
N LEU B 9 -2.89 -5.16 -2.03
CA LEU B 9 -2.81 -5.17 -3.49
C LEU B 9 -1.37 -5.36 -3.90
N GLY B 10 -1.15 -6.24 -4.87
CA GLY B 10 0.18 -6.50 -5.36
C GLY B 10 0.15 -6.82 -6.85
N LEU B 11 0.88 -6.04 -7.65
CA LEU B 11 0.88 -6.27 -9.09
C LEU B 11 2.27 -6.31 -9.64
N ASN B 12 2.77 -7.50 -9.95
CA ASN B 12 4.10 -7.53 -10.52
C ASN B 12 4.01 -7.75 -12.03
N ALA B 13 2.92 -7.28 -12.59
CA ALA B 13 2.66 -7.33 -14.01
C ALA B 13 1.33 -6.64 -14.26
N VAL B 14 1.16 -6.14 -15.48
CA VAL B 14 -0.10 -5.50 -15.87
C VAL B 14 -0.44 -5.95 -17.27
N ASP B 15 -1.64 -5.61 -17.72
CA ASP B 15 -2.07 -6.03 -19.05
C ASP B 15 -1.43 -5.21 -20.18
N PRO B 16 -0.48 -5.82 -20.91
CA PRO B 16 0.17 -5.09 -22.01
C PRO B 16 -0.83 -4.68 -23.07
N LYS B 17 -1.94 -5.38 -23.13
CA LYS B 17 -2.99 -5.11 -24.10
C LYS B 17 -3.63 -3.74 -23.84
N HIS B 18 -3.35 -3.15 -22.70
CA HIS B 18 -3.90 -1.83 -22.40
C HIS B 18 -2.78 -0.80 -22.29
N TYR B 19 -1.63 -1.23 -21.78
CA TYR B 19 -0.50 -0.35 -21.60
C TYR B 19 0.41 -0.30 -22.82
N GLY B 20 -0.18 -0.21 -24.01
CA GLY B 20 0.60 -0.13 -25.23
C GLY B 20 1.72 -1.15 -25.37
N GLY B 21 1.47 -2.38 -24.93
CA GLY B 21 2.49 -3.41 -25.04
C GLY B 21 3.45 -3.54 -23.88
N TRP B 22 3.30 -2.70 -22.86
CA TRP B 22 4.15 -2.74 -21.68
C TRP B 22 3.54 -3.69 -20.65
N ALA B 23 4.34 -4.61 -20.12
CA ALA B 23 3.83 -5.55 -19.11
C ALA B 23 4.07 -5.08 -17.67
N GLY B 24 4.90 -4.04 -17.52
CA GLY B 24 5.19 -3.50 -16.21
C GLY B 24 5.61 -4.57 -15.23
N LYS B 25 6.47 -5.47 -15.70
CA LYS B 25 6.97 -6.57 -14.87
C LYS B 25 7.78 -6.14 -13.64
N LEU B 26 7.50 -6.82 -12.53
CA LEU B 26 8.17 -6.60 -11.24
C LEU B 26 8.15 -7.96 -10.56
N ASN B 27 9.00 -8.18 -9.58
CA ASN B 27 8.98 -9.48 -8.95
C ASN B 27 9.16 -9.45 -7.44
N ALA B 28 8.27 -8.74 -6.77
CA ALA B 28 8.32 -8.63 -5.32
C ALA B 28 7.06 -7.93 -4.81
N CYS B 29 6.19 -7.54 -5.74
CA CYS B 29 4.95 -6.88 -5.35
C CYS B 29 3.95 -7.88 -4.79
N GLU B 30 3.90 -9.08 -5.35
CA GLU B 30 2.97 -10.07 -4.82
C GLU B 30 3.45 -10.52 -3.44
N ALA B 31 4.77 -10.58 -3.27
CA ALA B 31 5.34 -10.94 -1.99
C ALA B 31 4.97 -9.86 -0.97
N ASP B 32 5.11 -8.58 -1.34
CA ASP B 32 4.74 -7.48 -0.43
C ASP B 32 3.30 -7.60 0.03
N ALA B 33 2.39 -7.87 -0.90
CA ALA B 33 0.98 -7.99 -0.54
C ALA B 33 0.73 -9.15 0.43
N GLU B 34 1.30 -10.31 0.14
CA GLU B 34 1.14 -11.47 1.01
C GLU B 34 1.65 -11.14 2.41
N ASP B 35 2.83 -10.52 2.48
CA ASP B 35 3.43 -10.15 3.76
C ASP B 35 2.55 -9.15 4.51
N ALA B 37 -0.69 -8.70 4.01
CA ALA B 37 -1.91 -9.42 4.32
C ALA B 37 -1.72 -10.34 5.53
N ALA B 38 -0.53 -10.95 5.64
CA ALA B 38 -0.21 -11.84 6.74
C ALA B 38 -0.21 -11.06 8.06
N ILE B 39 0.40 -9.88 8.07
CA ILE B 39 0.41 -9.04 9.28
C ILE B 39 -1.01 -8.64 9.62
N ALA B 40 -1.77 -8.20 8.63
CA ALA B 40 -3.14 -7.79 8.86
C ALA B 40 -3.99 -8.91 9.44
N ALA B 41 -3.83 -10.12 8.92
CA ALA B 41 -4.60 -11.25 9.38
C ALA B 41 -4.28 -11.53 10.83
N GLU B 42 -2.99 -11.50 11.17
CA GLU B 42 -2.55 -11.76 12.52
C GLU B 42 -2.98 -10.68 13.49
N ARG B 43 -3.37 -9.51 12.96
CA ARG B 43 -3.79 -8.39 13.80
C ARG B 43 -5.30 -8.35 13.98
N GLY B 44 -6.01 -9.29 13.36
CA GLY B 44 -7.45 -9.32 13.49
C GLY B 44 -8.19 -8.61 12.38
N PHE B 45 -7.57 -8.57 11.20
CA PHE B 45 -8.13 -7.93 10.02
C PHE B 45 -8.83 -8.92 9.11
N ALA B 46 -9.94 -8.52 8.51
CA ALA B 46 -10.62 -9.38 7.55
C ALA B 46 -9.90 -8.99 6.25
N VAL B 47 -8.86 -9.73 5.90
CA VAL B 47 -8.07 -9.41 4.72
C VAL B 47 -8.55 -10.00 3.39
N THR B 48 -8.35 -9.22 2.33
CA THR B 48 -8.71 -9.59 0.96
C THR B 48 -7.47 -9.25 0.12
N THR B 49 -6.90 -10.25 -0.54
CA THR B 49 -5.71 -10.05 -1.35
C THR B 49 -6.01 -10.10 -2.85
N LEU B 50 -5.47 -9.14 -3.60
CA LEU B 50 -5.65 -9.09 -5.03
C LEU B 50 -4.26 -9.07 -5.67
N THR B 52 -1.89 -9.08 -9.08
CA THR B 52 -1.85 -8.68 -10.49
C THR B 52 -3.18 -8.82 -11.26
N LYS B 53 -3.38 -9.90 -11.99
CA LYS B 53 -4.60 -10.09 -12.77
C LYS B 53 -5.85 -9.80 -11.98
N ALA B 54 -5.80 -10.07 -10.68
CA ALA B 54 -6.93 -9.84 -9.80
C ALA B 54 -7.08 -8.38 -9.37
N ALA B 55 -5.99 -7.61 -9.43
CA ALA B 55 -6.07 -6.20 -9.04
C ALA B 55 -6.48 -5.29 -10.19
N THR B 56 -7.76 -5.35 -10.54
CA THR B 56 -8.27 -4.54 -11.64
C THR B 56 -8.96 -3.31 -11.11
N ARG B 57 -9.29 -2.38 -11.99
CA ARG B 57 -9.97 -1.16 -11.59
C ARG B 57 -11.28 -1.55 -10.92
N ALA B 58 -12.11 -2.33 -11.59
CA ALA B 58 -13.41 -2.74 -11.04
C ALA B 58 -13.32 -3.36 -9.63
N LYS B 59 -12.51 -4.41 -9.47
CA LYS B 59 -12.37 -5.07 -8.18
C LYS B 59 -11.84 -4.19 -7.05
N VAL B 60 -10.83 -3.39 -7.35
CA VAL B 60 -10.25 -2.50 -6.34
C VAL B 60 -11.28 -1.43 -5.92
N ILE B 61 -11.93 -0.81 -6.90
CA ILE B 61 -12.90 0.23 -6.59
C ILE B 61 -14.03 -0.35 -5.78
N ASP B 62 -14.50 -1.52 -6.21
CA ASP B 62 -15.59 -2.21 -5.52
C ASP B 62 -15.20 -2.63 -4.09
N ALA B 63 -13.99 -3.17 -3.93
CA ALA B 63 -13.55 -3.61 -2.61
C ALA B 63 -13.53 -2.44 -1.64
N ILE B 64 -12.88 -1.35 -2.04
CA ILE B 64 -12.79 -0.17 -1.18
C ILE B 64 -14.18 0.36 -0.89
N GLY B 65 -15.05 0.32 -1.91
CA GLY B 65 -16.42 0.78 -1.73
C GLY B 65 -17.15 -0.02 -0.67
N LYS B 66 -17.00 -1.34 -0.74
CA LYS B 66 -17.63 -2.22 0.23
C LYS B 66 -17.20 -1.77 1.62
N ALA B 67 -15.89 -1.74 1.85
CA ALA B 67 -15.34 -1.32 3.13
C ALA B 67 -15.94 -0.01 3.62
N ALA B 68 -15.94 1.00 2.78
CA ALA B 68 -16.48 2.30 3.18
C ALA B 68 -17.89 2.18 3.74
N LYS B 69 -18.67 1.23 3.21
CA LYS B 69 -20.03 1.01 3.67
C LYS B 69 -20.12 0.11 4.89
N ALA B 70 -19.25 -0.89 4.94
CA ALA B 70 -19.25 -1.84 6.06
C ALA B 70 -18.87 -1.24 7.39
N LEU B 71 -17.62 -0.83 7.53
CA LEU B 71 -17.17 -0.28 8.79
C LEU B 71 -17.66 1.13 9.10
N GLY B 72 -17.68 1.43 10.39
CA GLY B 72 -18.12 2.73 10.85
C GLY B 72 -17.26 3.26 11.98
N LYS B 73 -17.77 4.29 12.66
CA LYS B 73 -17.05 4.94 13.76
C LYS B 73 -16.36 3.95 14.68
N GLY B 74 -15.05 4.10 14.81
CA GLY B 74 -14.29 3.21 15.66
C GLY B 74 -13.56 2.12 14.93
N ASP B 75 -14.06 1.74 13.75
CA ASP B 75 -13.40 0.70 12.98
C ASP B 75 -12.18 1.24 12.25
N ILE B 76 -11.50 0.38 11.51
CA ILE B 76 -10.30 0.77 10.78
C ILE B 76 -10.12 0.02 9.46
N PHE B 77 -9.84 0.79 8.41
CA PHE B 77 -9.62 0.21 7.09
C PHE B 77 -8.13 0.30 6.76
N LEU B 79 -5.28 -0.24 3.72
CA LEU B 79 -5.03 -0.43 2.30
C LEU B 79 -3.53 -0.41 2.05
N SER B 80 -3.00 -1.51 1.51
CA SER B 80 -1.59 -1.57 1.18
C SER B 80 -1.51 -1.79 -0.32
N TYR B 81 -0.51 -1.20 -0.95
CA TYR B 81 -0.35 -1.33 -2.40
C TYR B 81 1.10 -1.42 -2.87
N SER B 82 1.39 -2.41 -3.70
CA SER B 82 2.70 -2.54 -4.26
C SER B 82 2.50 -2.75 -5.75
N GLY B 83 2.95 -1.76 -6.50
CA GLY B 83 2.82 -1.80 -7.95
C GLY B 83 3.48 -0.58 -8.52
N HIS B 84 3.26 -0.33 -9.80
CA HIS B 84 3.83 0.84 -10.46
C HIS B 84 2.96 2.06 -10.22
N GLY B 85 3.60 3.22 -10.26
CA GLY B 85 2.88 4.47 -10.10
C GLY B 85 2.79 5.05 -11.51
N GLY B 86 1.62 5.48 -11.92
CA GLY B 86 1.49 6.03 -13.26
C GLY B 86 1.21 7.52 -13.33
N GLN B 87 1.16 8.03 -14.55
CA GLN B 87 0.87 9.43 -14.76
C GLN B 87 0.10 9.54 -16.06
N VAL B 88 -0.97 10.32 -16.03
CA VAL B 88 -1.78 10.52 -17.22
C VAL B 88 -1.76 12.02 -17.46
N PRO B 89 -1.59 12.44 -18.71
CA PRO B 89 -1.55 13.87 -19.04
C PRO B 89 -2.75 14.68 -18.57
N ASP B 90 -2.45 15.89 -18.09
CA ASP B 90 -3.46 16.82 -17.63
C ASP B 90 -3.71 17.79 -18.80
N THR B 91 -4.81 17.59 -19.51
CA THR B 91 -5.12 18.43 -20.66
C THR B 91 -5.56 19.85 -20.28
N SER B 92 -5.45 20.17 -19.00
CA SER B 92 -5.82 21.49 -18.49
C SER B 92 -4.85 22.55 -19.00
N ASN B 93 -3.69 22.12 -19.47
CA ASN B 93 -2.69 23.06 -19.94
C ASN B 93 -1.74 22.38 -20.92
N ASP B 94 -0.74 23.12 -21.40
CA ASP B 94 0.21 22.55 -22.34
C ASP B 94 1.52 22.16 -21.65
N GLU B 95 1.55 22.18 -20.33
CA GLU B 95 2.77 21.83 -19.63
C GLU B 95 3.16 20.38 -19.92
N PRO B 96 4.39 20.17 -20.44
CA PRO B 96 4.86 18.81 -20.75
C PRO B 96 4.88 17.89 -19.54
N ASP B 97 5.15 18.45 -18.36
CA ASP B 97 5.20 17.66 -17.13
C ASP B 97 3.93 17.82 -16.29
N GLY B 98 2.91 18.46 -16.86
CA GLY B 98 1.65 18.65 -16.15
C GLY B 98 0.84 17.39 -16.30
N VAL B 99 0.82 16.57 -15.25
CA VAL B 99 0.11 15.30 -15.31
C VAL B 99 -0.57 14.94 -14.00
N ASP B 100 -1.30 13.82 -14.01
CA ASP B 100 -1.98 13.33 -12.81
C ASP B 100 -1.37 11.99 -12.42
N GLU B 101 -1.03 11.85 -11.15
CA GLU B 101 -0.45 10.61 -10.66
C GLU B 101 -1.52 9.54 -10.61
N THR B 102 -1.12 8.29 -10.81
CA THR B 102 -2.06 7.19 -10.83
C THR B 102 -1.41 5.91 -10.33
N TRP B 103 -2.24 4.88 -10.12
CA TRP B 103 -1.75 3.58 -9.71
C TRP B 103 -1.94 2.74 -10.96
N CYS B 104 -0.92 1.98 -11.33
CA CYS B 104 -1.06 1.19 -12.54
C CYS B 104 -1.66 -0.14 -12.20
N LEU B 105 -2.97 -0.21 -12.31
CA LEU B 105 -3.67 -1.45 -12.02
C LEU B 105 -3.64 -2.31 -13.30
N PHE B 106 -3.93 -3.59 -13.16
CA PHE B 106 -3.86 -4.49 -14.30
C PHE B 106 -4.75 -4.03 -15.42
N ASP B 107 -5.97 -3.69 -15.06
CA ASP B 107 -7.01 -3.24 -15.97
C ASP B 107 -6.65 -1.92 -16.67
N GLY B 108 -6.06 -1.00 -15.91
CA GLY B 108 -5.69 0.31 -16.42
C GLY B 108 -5.25 1.17 -15.24
N GLU B 109 -5.16 2.48 -15.44
CA GLU B 109 -4.73 3.35 -14.35
C GLU B 109 -5.85 3.92 -13.52
N LEU B 110 -5.61 3.99 -12.22
CA LEU B 110 -6.60 4.54 -11.29
C LEU B 110 -6.07 5.92 -10.93
N ILE B 111 -6.73 6.97 -11.40
CA ILE B 111 -6.28 8.33 -11.12
C ILE B 111 -6.31 8.64 -9.63
N ASP B 112 -5.26 9.28 -9.14
CA ASP B 112 -5.19 9.62 -7.72
C ASP B 112 -6.50 10.22 -7.18
N ASP B 113 -7.21 10.97 -8.01
CA ASP B 113 -8.46 11.56 -7.59
C ASP B 113 -9.53 10.52 -7.32
N GLU B 114 -9.54 9.46 -8.14
CA GLU B 114 -10.51 8.40 -7.95
C GLU B 114 -10.28 7.73 -6.59
N LEU B 115 -9.02 7.54 -6.24
CA LEU B 115 -8.68 6.91 -4.97
C LEU B 115 -9.00 7.85 -3.82
N TYR B 116 -8.57 9.09 -3.96
CA TYR B 116 -8.83 10.09 -2.93
C TYR B 116 -10.33 10.19 -2.67
N ALA B 117 -11.14 10.20 -3.73
CA ALA B 117 -12.58 10.31 -3.57
C ALA B 117 -13.13 9.09 -2.83
N LEU B 118 -12.61 7.91 -3.17
CA LEU B 118 -13.03 6.68 -2.53
C LEU B 118 -12.75 6.76 -1.02
N LEU B 119 -11.57 7.25 -0.67
CA LEU B 119 -11.21 7.37 0.74
C LEU B 119 -12.13 8.35 1.46
N GLY B 120 -12.71 9.27 0.71
CA GLY B 120 -13.59 10.26 1.29
C GLY B 120 -14.98 9.73 1.57
N LYS B 121 -15.24 8.50 1.16
CA LYS B 121 -16.55 7.89 1.38
C LYS B 121 -16.63 7.16 2.72
N PHE B 122 -15.55 7.17 3.48
CA PHE B 122 -15.51 6.49 4.78
C PHE B 122 -16.15 7.34 5.88
N ALA B 123 -16.61 6.65 6.94
CA ALA B 123 -17.27 7.29 8.08
C ALA B 123 -16.41 8.38 8.72
N ALA B 124 -16.95 9.04 9.74
CA ALA B 124 -16.21 10.11 10.39
C ALA B 124 -15.18 9.63 11.40
N GLY B 125 -15.56 8.71 12.28
CA GLY B 125 -14.61 8.22 13.26
C GLY B 125 -13.85 6.99 12.84
N VAL B 126 -13.73 6.76 11.53
CA VAL B 126 -13.01 5.59 11.04
C VAL B 126 -11.55 5.93 10.69
N ARG B 127 -10.63 5.04 11.07
CA ARG B 127 -9.21 5.23 10.80
C ARG B 127 -8.88 4.56 9.47
N VAL B 128 -8.18 5.28 8.61
CA VAL B 128 -7.79 4.75 7.30
C VAL B 128 -6.28 4.73 7.23
N LEU B 129 -5.70 3.53 7.19
CA LEU B 129 -4.25 3.35 7.13
C LEU B 129 -3.86 2.87 5.73
N VAL B 130 -3.06 3.67 5.02
CA VAL B 130 -2.63 3.32 3.66
C VAL B 130 -1.12 3.16 3.47
N PHE B 131 -0.71 2.02 2.94
CA PHE B 131 0.71 1.77 2.66
C PHE B 131 0.85 1.71 1.14
N SER B 132 1.70 2.55 0.57
CA SER B 132 1.89 2.57 -0.88
C SER B 132 3.38 2.42 -1.18
N ASP B 133 3.82 1.19 -1.43
CA ASP B 133 5.23 0.94 -1.76
C ASP B 133 5.33 1.09 -3.27
N SER B 134 5.20 2.33 -3.72
CA SER B 134 5.24 2.67 -5.13
C SER B 134 5.84 4.07 -5.28
N CYS B 135 5.94 4.54 -6.52
CA CYS B 135 6.49 5.87 -6.80
C CYS B 135 5.96 6.38 -8.14
N HIS B 136 6.42 7.55 -8.56
CA HIS B 136 5.97 8.14 -9.82
C HIS B 136 7.16 8.69 -10.60
N SER B 137 7.07 8.69 -11.92
CA SER B 137 8.15 9.22 -12.74
C SER B 137 8.41 10.67 -12.40
N GLY B 138 7.35 11.38 -12.00
CA GLY B 138 7.51 12.78 -11.65
C GLY B 138 7.86 13.56 -12.91
N THR B 139 8.70 14.58 -12.75
CA THR B 139 9.11 15.43 -13.87
C THR B 139 10.49 15.03 -14.41
N VAL B 140 10.90 15.68 -15.48
CA VAL B 140 12.21 15.41 -16.08
C VAL B 140 13.35 15.60 -15.09
N VAL B 141 13.17 16.48 -14.11
CA VAL B 141 14.23 16.72 -13.12
C VAL B 141 14.54 15.45 -12.32
N LYS B 142 13.50 14.67 -12.02
CA LYS B 142 13.69 13.44 -11.26
C LYS B 142 14.43 12.48 -12.16
N ALA B 144 16.33 13.24 -14.47
CA ALA B 144 17.67 13.79 -14.60
C ALA B 144 18.57 13.25 -13.49
N TYR B 145 18.16 13.44 -12.25
CA TYR B 145 18.94 12.97 -11.10
C TYR B 145 19.16 11.47 -11.11
N TYR B 146 18.14 10.71 -11.52
CA TYR B 146 18.25 9.25 -11.55
C TYR B 146 18.82 8.66 -12.84
N ASN B 147 18.95 9.47 -13.88
CA ASN B 147 19.47 8.98 -15.16
C ASN B 147 19.96 10.11 -16.06
N ILE B 162 18.73 -3.09 -10.72
CA ILE B 162 17.98 -2.15 -9.88
C ILE B 162 16.80 -1.50 -10.62
N ARG B 163 15.58 -1.99 -10.37
CA ARG B 163 14.40 -1.43 -11.04
C ARG B 163 13.46 -0.69 -10.09
N TYR B 164 12.83 0.36 -10.60
CA TYR B 164 11.91 1.16 -9.79
C TYR B 164 10.47 0.89 -10.15
N ARG B 165 9.61 1.12 -9.18
CA ARG B 165 8.19 0.92 -9.34
C ARG B 165 7.49 2.13 -9.98
N ALA B 166 8.06 2.63 -11.07
CA ALA B 166 7.47 3.76 -11.75
C ALA B 166 7.35 3.43 -13.24
N PRO B 168 7.58 3.94 -17.02
CA PRO B 168 8.40 4.86 -17.82
C PRO B 168 7.53 5.88 -18.57
N GLN B 169 8.01 7.12 -18.63
CA GLN B 169 7.27 8.18 -19.27
C GLN B 169 6.80 7.84 -20.68
N SER B 170 7.61 7.13 -21.44
CA SER B 170 7.22 6.79 -22.80
C SER B 170 5.95 5.97 -22.80
N VAL B 171 5.91 4.95 -21.94
CA VAL B 171 4.75 4.07 -21.79
C VAL B 171 3.54 4.84 -21.29
N ALA B 172 3.79 5.79 -20.38
CA ALA B 172 2.71 6.58 -19.82
C ALA B 172 1.93 7.30 -20.90
N ARG B 174 2.17 6.67 -24.25
CA ARG B 174 1.70 5.70 -25.21
C ARG B 174 0.38 5.09 -24.72
N THR B 175 0.33 4.77 -23.42
CA THR B 175 -0.87 4.19 -22.83
C THR B 175 -2.01 5.18 -22.93
N TYR B 176 -1.71 6.45 -22.69
CA TYR B 176 -2.74 7.47 -22.78
C TYR B 176 -3.29 7.53 -24.19
N ARG B 177 -2.41 7.71 -25.18
CA ARG B 177 -2.83 7.79 -26.57
C ARG B 177 -3.68 6.59 -26.99
N ALA B 178 -3.26 5.39 -26.60
CA ALA B 178 -3.97 4.16 -26.96
C ALA B 178 -5.33 4.05 -26.28
N ASN B 179 -5.58 4.91 -25.30
CA ASN B 179 -6.83 4.89 -24.57
C ASN B 179 -7.33 6.33 -24.32
N ARG B 180 -7.21 7.18 -25.33
CA ARG B 180 -7.64 8.59 -25.24
C ARG B 180 -9.01 8.82 -24.60
N GLU B 181 -10.04 8.24 -25.20
CA GLU B 181 -11.40 8.40 -24.70
C GLU B 181 -11.56 7.88 -23.27
N PHE B 182 -10.95 6.74 -22.98
CA PHE B 182 -11.04 6.16 -21.65
C PHE B 182 -10.57 7.09 -20.54
N TYR B 183 -9.34 7.57 -20.61
CA TYR B 183 -8.81 8.45 -19.59
C TYR B 183 -9.40 9.84 -19.62
N ASP B 184 -9.78 10.32 -20.79
CA ASP B 184 -10.36 11.64 -20.89
C ASP B 184 -11.70 11.65 -20.16
N THR B 185 -12.43 10.54 -20.25
CA THR B 185 -13.72 10.45 -19.58
C THR B 185 -13.52 10.46 -18.07
N ILE B 186 -12.57 9.66 -17.62
CA ILE B 186 -12.25 9.57 -16.21
C ILE B 186 -11.86 10.95 -15.68
N GLN B 187 -11.03 11.65 -16.45
CA GLN B 187 -10.55 12.98 -16.09
C GLN B 187 -11.68 14.02 -16.02
N GLN B 188 -12.74 13.80 -16.79
CA GLN B 188 -13.88 14.71 -16.81
C GLN B 188 -14.82 14.47 -15.64
N LYS B 189 -14.92 13.21 -15.21
CA LYS B 189 -15.77 12.89 -14.09
C LYS B 189 -15.21 13.41 -12.77
N THR B 190 -14.45 12.59 -12.07
CA THR B 190 -13.87 12.97 -10.78
C THR B 190 -12.91 14.14 -10.89
N LYS B 191 -12.84 14.95 -9.84
CA LYS B 191 -11.95 16.11 -9.80
C LYS B 191 -11.04 16.09 -8.56
N LYS B 192 -10.14 17.07 -8.48
CA LYS B 192 -9.19 17.21 -7.37
C LYS B 192 -9.94 17.31 -6.03
N VAL B 193 -9.67 16.39 -5.12
CA VAL B 193 -10.33 16.40 -3.82
C VAL B 193 -9.35 16.84 -2.74
N ASP B 194 -9.90 17.44 -1.68
CA ASP B 194 -9.09 17.93 -0.57
C ASP B 194 -9.05 16.89 0.54
N LEU B 195 -7.95 16.18 0.62
CA LEU B 195 -7.77 15.14 1.61
C LEU B 195 -7.84 15.66 3.02
N ALA B 196 -7.60 16.95 3.22
CA ALA B 196 -7.64 17.50 4.58
C ALA B 196 -9.06 17.63 5.12
N ASP B 197 -10.04 17.67 4.22
CA ASP B 197 -11.41 17.85 4.65
C ASP B 197 -12.32 16.64 4.70
N VAL B 198 -11.75 15.46 4.52
CA VAL B 198 -12.57 14.26 4.57
C VAL B 198 -12.89 13.87 5.99
N LYS B 199 -14.01 13.15 6.13
CA LYS B 199 -14.50 12.70 7.42
C LYS B 199 -13.54 11.78 8.15
N ALA B 200 -13.08 10.74 7.46
CA ALA B 200 -12.18 9.77 8.07
C ALA B 200 -10.81 10.36 8.36
N SER B 201 -10.14 9.78 9.35
CA SER B 201 -8.80 10.19 9.73
C SER B 201 -7.86 9.30 8.93
N ILE B 202 -7.21 9.87 7.92
CA ILE B 202 -6.30 9.14 7.06
C ILE B 202 -4.82 9.30 7.41
N LEU B 203 -4.09 8.19 7.37
CA LEU B 203 -2.65 8.14 7.61
C LEU B 203 -2.10 7.44 6.38
N LEU B 204 -1.41 8.19 5.52
CA LEU B 204 -0.82 7.63 4.31
C LEU B 204 0.67 7.50 4.44
N ILE B 205 1.18 6.27 4.47
CA ILE B 205 2.63 6.03 4.56
C ILE B 205 3.07 5.46 3.21
N SER B 206 3.82 6.26 2.44
CA SER B 206 4.28 5.81 1.13
C SER B 206 5.75 5.40 1.17
N GLY B 207 6.18 4.67 0.16
CA GLY B 207 7.56 4.21 0.09
C GLY B 207 8.62 5.26 -0.15
N CYS B 208 8.24 6.43 -0.66
CA CYS B 208 9.23 7.46 -0.92
C CYS B 208 8.60 8.86 -1.05
N GLN B 209 9.47 9.85 -1.20
CA GLN B 209 9.05 11.25 -1.34
C GLN B 209 8.69 11.51 -2.81
N ASP B 210 7.98 12.62 -3.04
CA ASP B 210 7.54 13.01 -4.38
C ASP B 210 8.67 13.25 -5.35
N ASN B 211 9.87 13.51 -4.82
CA ASN B 211 11.02 13.75 -5.67
C ASN B 211 11.92 12.52 -5.69
N GLN B 212 11.42 11.40 -5.19
CA GLN B 212 12.21 10.18 -5.19
C GLN B 212 11.48 9.06 -5.92
N LEU B 213 12.15 7.91 -6.03
CA LEU B 213 11.57 6.74 -6.67
C LEU B 213 11.65 5.60 -5.66
N SER B 214 10.74 4.63 -5.79
CA SER B 214 10.71 3.50 -4.88
C SER B 214 11.32 2.28 -5.55
N GLN B 215 12.28 1.67 -4.87
CA GLN B 215 12.95 0.52 -5.42
C GLN B 215 12.21 -0.81 -5.26
N ASP B 216 12.22 -1.60 -6.34
CA ASP B 216 11.58 -2.91 -6.32
C ASP B 216 12.67 -3.94 -6.07
N GLY B 217 12.68 -4.52 -4.87
CA GLY B 217 13.70 -5.52 -4.55
C GLY B 217 13.38 -6.84 -5.21
N ALA B 218 14.21 -7.86 -4.99
CA ALA B 218 13.97 -9.15 -5.58
C ALA B 218 12.95 -10.00 -4.80
N PHE B 219 12.77 -9.69 -3.51
CA PHE B 219 11.81 -10.44 -2.69
C PHE B 219 10.74 -9.61 -1.98
N ASN B 220 10.83 -8.30 -2.13
CA ASN B 220 9.87 -7.33 -1.61
C ASN B 220 10.46 -5.95 -1.80
N GLY B 221 9.58 -4.94 -1.84
CA GLY B 221 10.04 -3.59 -2.03
C GLY B 221 11.08 -3.17 -1.02
N ALA B 222 11.87 -2.17 -1.36
CA ALA B 222 12.87 -1.70 -0.42
C ALA B 222 12.14 -1.27 0.84
N PHE B 223 11.11 -0.44 0.69
CA PHE B 223 10.32 0.05 1.81
C PHE B 223 9.68 -1.09 2.60
N THR B 224 8.91 -1.93 1.91
CA THR B 224 8.22 -3.04 2.58
C THR B 224 9.19 -3.95 3.32
N GLY B 225 10.33 -4.23 2.69
CA GLY B 225 11.32 -5.07 3.34
C GLY B 225 11.76 -4.51 4.68
N GLN B 226 11.99 -3.20 4.75
CA GLN B 226 12.41 -2.60 6.00
C GLN B 226 11.25 -2.50 6.97
N LEU B 227 10.04 -2.38 6.42
CA LEU B 227 8.86 -2.30 7.28
C LEU B 227 8.80 -3.62 8.04
N LEU B 228 8.95 -4.74 7.31
CA LEU B 228 8.92 -6.05 7.93
C LEU B 228 10.08 -6.26 8.90
N ARG B 229 11.21 -5.65 8.61
CA ARG B 229 12.36 -5.82 9.50
C ARG B 229 12.20 -5.13 10.87
N VAL B 230 11.63 -3.93 10.89
CA VAL B 230 11.43 -3.24 12.16
C VAL B 230 10.23 -3.84 12.87
N TRP B 231 9.23 -4.24 12.11
CA TRP B 231 8.06 -4.83 12.73
C TRP B 231 8.47 -6.12 13.42
N LYS B 232 9.52 -6.75 12.90
CA LYS B 232 10.08 -8.00 13.43
C LYS B 232 9.05 -9.04 13.90
N ASN B 233 8.15 -9.41 13.00
CA ASN B 233 7.15 -10.44 13.29
C ASN B 233 6.31 -10.12 14.51
N GLY B 234 5.92 -8.86 14.66
CA GLY B 234 5.08 -8.48 15.78
C GLY B 234 5.78 -8.16 17.10
N LEU B 235 7.10 -8.10 17.10
CA LEU B 235 7.81 -7.80 18.34
C LEU B 235 8.06 -6.30 18.51
N TYR B 236 7.65 -5.51 17.53
CA TYR B 236 7.84 -4.07 17.60
C TYR B 236 6.94 -3.39 18.63
N LYS B 237 7.55 -2.54 19.45
CA LYS B 237 6.82 -1.80 20.46
C LYS B 237 6.91 -0.32 20.11
N GLY B 238 5.76 0.36 20.00
CA GLY B 238 5.79 1.77 19.67
C GLY B 238 4.57 2.28 18.94
N SER B 239 4.60 3.58 18.59
CA SER B 239 3.48 4.20 17.88
C SER B 239 3.78 4.23 16.38
N TYR B 240 2.81 4.72 15.61
CA TYR B 240 2.99 4.80 14.17
C TYR B 240 4.15 5.72 13.86
N ARG B 241 4.24 6.85 14.57
CA ARG B 241 5.32 7.79 14.32
C ARG B 241 6.65 7.12 14.57
N SER B 242 6.78 6.42 15.69
CA SER B 242 8.02 5.75 15.97
C SER B 242 8.31 4.69 14.93
N PHE B 243 7.26 4.01 14.49
CA PHE B 243 7.39 2.94 13.50
C PHE B 243 8.03 3.55 12.27
N HIS B 244 7.42 4.62 11.79
CA HIS B 244 7.90 5.34 10.62
C HIS B 244 9.36 5.81 10.79
N LYS B 245 9.64 6.52 11.88
CA LYS B 245 10.99 7.00 12.13
C LYS B 245 12.03 5.88 12.16
N ALA B 246 11.66 4.71 12.68
CA ALA B 246 12.57 3.58 12.78
C ALA B 246 12.85 3.02 11.38
N ILE B 247 11.87 3.11 10.49
CA ILE B 247 12.06 2.60 9.14
C ILE B 247 12.96 3.55 8.36
N VAL B 248 12.56 4.81 8.26
CA VAL B 248 13.37 5.77 7.52
C VAL B 248 14.82 5.77 7.98
N ARG B 249 15.05 5.46 9.25
CA ARG B 249 16.40 5.45 9.77
C ARG B 249 17.27 4.43 9.04
N ARG B 250 16.66 3.35 8.60
CA ARG B 250 17.35 2.26 7.92
C ARG B 250 17.44 2.44 6.41
N PRO B 252 17.89 4.23 2.62
CA PRO B 252 18.92 5.05 1.98
C PRO B 252 18.38 6.46 1.73
N PRO B 253 19.27 7.46 1.74
CA PRO B 253 18.86 8.86 1.53
C PRO B 253 18.11 9.16 0.23
N ASP B 254 18.27 8.30 -0.77
CA ASP B 254 17.61 8.48 -2.06
C ASP B 254 16.19 7.89 -2.08
N GLN B 255 15.81 7.27 -0.96
CA GLN B 255 14.46 6.71 -0.80
C GLN B 255 14.02 6.82 0.64
N THR B 256 13.14 7.79 0.91
CA THR B 256 12.63 8.01 2.25
C THR B 256 11.12 7.88 2.28
N PRO B 257 10.58 6.89 3.01
CA PRO B 257 9.12 6.76 3.06
C PRO B 257 8.52 7.98 3.74
N ASN B 258 7.32 8.36 3.33
CA ASN B 258 6.66 9.53 3.87
C ASN B 258 5.51 9.23 4.82
N PHE B 259 5.31 10.14 5.76
CA PHE B 259 4.26 10.03 6.77
C PHE B 259 3.30 11.20 6.57
N PHE B 260 2.20 10.96 5.88
CA PHE B 260 1.20 11.96 5.56
C PHE B 260 -0.14 11.69 6.24
N THR B 261 -0.72 12.70 6.89
CA THR B 261 -2.03 12.55 7.55
C THR B 261 -3.03 13.49 6.89
N ALA B 262 -4.26 13.01 6.72
CA ALA B 262 -5.29 13.83 6.10
C ALA B 262 -6.63 13.56 6.78
N GLY B 263 -7.66 14.31 6.40
CA GLY B 263 -8.96 14.11 7.01
C GLY B 263 -9.05 14.63 8.42
N THR B 264 -10.02 14.13 9.17
CA THR B 264 -10.21 14.58 10.55
C THR B 264 -9.08 14.08 11.43
N PRO B 265 -8.30 15.00 12.02
CA PRO B 265 -7.19 14.62 12.89
C PRO B 265 -7.62 13.65 14.01
N ASP B 266 -6.75 12.69 14.30
CA ASP B 266 -7.02 11.70 15.34
C ASP B 266 -5.70 11.36 16.02
N PRO B 267 -5.28 12.17 17.00
CA PRO B 267 -4.02 11.91 17.70
C PRO B 267 -3.97 10.55 18.39
N ALA B 268 -5.13 10.03 18.79
CA ALA B 268 -5.17 8.73 19.44
C ALA B 268 -4.77 7.63 18.46
N PHE B 269 -5.18 7.81 17.21
CA PHE B 269 -4.88 6.87 16.13
C PHE B 269 -3.38 6.85 15.81
N LEU B 270 -2.78 8.02 15.67
CA LEU B 270 -1.37 8.10 15.36
C LEU B 270 -0.53 7.67 16.54
N LYS B 271 -1.16 7.56 17.71
CA LYS B 271 -0.48 7.14 18.92
C LYS B 271 -0.56 5.62 19.14
N GLN B 272 -1.45 4.95 18.42
CA GLN B 272 -1.61 3.50 18.55
C GLN B 272 -0.42 2.74 18.00
N ARG B 273 -0.45 1.42 18.17
CA ARG B 273 0.60 0.55 17.67
C ARG B 273 0.33 0.37 16.17
N PRO B 274 1.38 0.46 15.33
CA PRO B 274 1.28 0.33 13.87
C PRO B 274 0.15 -0.49 13.22
N PHE B 275 -0.37 -1.53 13.85
CA PHE B 275 -1.46 -2.26 13.17
C PHE B 275 -2.63 -2.61 14.05
N THR B 276 -2.88 -1.79 15.06
CA THR B 276 -3.95 -2.01 16.00
C THR B 276 -5.36 -2.01 15.39
N VAL B 277 -6.26 -2.77 16.00
CA VAL B 277 -7.63 -2.84 15.54
C VAL B 277 -8.56 -2.51 16.71
N PRO C 2 -34.92 -14.02 -5.16
CA PRO C 2 -33.72 -14.85 -4.89
C PRO C 2 -32.42 -14.16 -5.30
N LYS C 3 -31.30 -14.61 -4.76
CA LYS C 3 -29.98 -14.03 -5.08
C LYS C 3 -29.02 -15.10 -5.59
N GLY C 4 -28.05 -14.70 -6.41
CA GLY C 4 -27.07 -15.65 -6.91
C GLY C 4 -25.63 -15.28 -6.57
N ILE C 5 -24.86 -16.27 -6.10
CA ILE C 5 -23.46 -16.08 -5.74
C ILE C 5 -22.61 -17.06 -6.53
N ALA C 6 -21.60 -16.54 -7.22
CA ALA C 6 -20.71 -17.36 -8.01
C ALA C 6 -19.27 -17.28 -7.49
N LEU C 7 -18.54 -18.39 -7.61
CA LEU C 7 -17.13 -18.49 -7.21
C LEU C 7 -16.36 -19.11 -8.38
N ALA C 8 -15.60 -18.29 -9.09
CA ALA C 8 -14.80 -18.75 -10.22
C ALA C 8 -13.38 -18.99 -9.73
N LEU C 9 -12.92 -20.22 -9.87
CA LEU C 9 -11.57 -20.58 -9.43
C LEU C 9 -10.73 -20.97 -10.62
N GLY C 10 -9.52 -20.45 -10.65
CA GLY C 10 -8.61 -20.74 -11.74
C GLY C 10 -7.18 -20.80 -11.22
N LEU C 11 -6.50 -21.93 -11.44
CA LEU C 11 -5.14 -22.06 -10.97
C LEU C 11 -4.24 -22.60 -12.05
N ASN C 12 -3.44 -21.74 -12.68
CA ASN C 12 -2.56 -22.28 -13.69
C ASN C 12 -1.15 -22.42 -13.12
N ALA C 13 -1.08 -22.62 -11.80
CA ALA C 13 0.16 -22.82 -11.06
C ALA C 13 -0.21 -23.09 -9.61
N VAL C 14 0.66 -23.79 -8.90
CA VAL C 14 0.45 -24.09 -7.49
C VAL C 14 1.78 -23.90 -6.76
N ASP C 15 1.74 -23.93 -5.44
CA ASP C 15 2.95 -23.73 -4.66
C ASP C 15 3.88 -24.95 -4.67
N PRO C 16 5.00 -24.87 -5.40
CA PRO C 16 5.92 -26.02 -5.43
C PRO C 16 6.48 -26.34 -4.05
N LYS C 17 6.45 -25.34 -3.16
CA LYS C 17 6.95 -25.50 -1.81
C LYS C 17 6.10 -26.49 -1.02
N HIS C 18 4.95 -26.86 -1.57
CA HIS C 18 4.08 -27.82 -0.89
C HIS C 18 3.95 -29.08 -1.73
N TYR C 19 3.95 -28.92 -3.04
CA TYR C 19 3.82 -30.05 -3.94
C TYR C 19 5.16 -30.68 -4.33
N GLY C 20 6.03 -30.85 -3.34
CA GLY C 20 7.32 -31.47 -3.58
C GLY C 20 8.08 -30.91 -4.77
N GLY C 21 8.03 -29.60 -4.97
CA GLY C 21 8.76 -29.00 -6.07
C GLY C 21 8.02 -28.93 -7.41
N TRP C 22 6.78 -29.38 -7.42
CA TRP C 22 5.96 -29.34 -8.64
C TRP C 22 5.18 -28.03 -8.66
N ALA C 23 5.20 -27.32 -9.79
CA ALA C 23 4.49 -26.05 -9.89
C ALA C 23 3.10 -26.21 -10.52
N GLY C 24 2.85 -27.39 -11.09
CA GLY C 24 1.56 -27.66 -11.72
C GLY C 24 1.17 -26.58 -12.71
N LYS C 25 2.13 -26.15 -13.51
CA LYS C 25 1.89 -25.09 -14.49
C LYS C 25 0.87 -25.44 -15.57
N LEU C 26 0.00 -24.46 -15.84
CA LEU C 26 -1.05 -24.56 -16.88
C LEU C 26 -1.22 -23.13 -17.40
N ASN C 27 -1.80 -22.98 -18.57
CA ASN C 27 -1.94 -21.62 -19.07
C ASN C 27 -3.24 -21.34 -19.77
N ALA C 28 -4.34 -21.58 -19.07
CA ALA C 28 -5.67 -21.36 -19.61
C ALA C 28 -6.70 -21.44 -18.49
N CYS C 29 -6.24 -21.76 -17.29
CA CYS C 29 -7.14 -21.88 -16.16
C CYS C 29 -7.61 -20.52 -15.69
N GLU C 30 -6.72 -19.53 -15.68
CA GLU C 30 -7.15 -18.20 -15.25
C GLU C 30 -8.11 -17.62 -16.28
N ALA C 31 -7.88 -17.93 -17.54
CA ALA C 31 -8.76 -17.47 -18.60
C ALA C 31 -10.13 -18.11 -18.37
N ASP C 32 -10.17 -19.42 -18.13
CA ASP C 32 -11.44 -20.10 -17.87
C ASP C 32 -12.22 -19.43 -16.75
N ALA C 33 -11.56 -19.11 -15.64
CA ALA C 33 -12.24 -18.50 -14.52
C ALA C 33 -12.79 -17.12 -14.90
N GLU C 34 -12.00 -16.32 -15.58
CA GLU C 34 -12.43 -14.98 -16.00
C GLU C 34 -13.66 -15.11 -16.89
N ASP C 35 -13.60 -16.01 -17.86
CA ASP C 35 -14.71 -16.24 -18.77
C ASP C 35 -15.97 -16.69 -18.02
N ALA C 37 -16.57 -16.22 -14.80
CA ALA C 37 -16.97 -15.09 -13.95
C ALA C 37 -17.69 -14.02 -14.78
N ALA C 38 -17.26 -13.83 -16.02
CA ALA C 38 -17.87 -12.85 -16.90
C ALA C 38 -19.33 -13.24 -17.19
N ILE C 39 -19.56 -14.51 -17.51
CA ILE C 39 -20.91 -15.00 -17.78
C ILE C 39 -21.75 -14.83 -16.51
N ALA C 40 -21.21 -15.24 -15.37
CA ALA C 40 -21.94 -15.14 -14.12
C ALA C 40 -22.33 -13.71 -13.80
N ALA C 41 -21.42 -12.78 -14.04
CA ALA C 41 -21.69 -11.38 -13.74
C ALA C 41 -22.81 -10.87 -14.63
N GLU C 42 -22.76 -11.24 -15.91
CA GLU C 42 -23.77 -10.82 -16.87
C GLU C 42 -25.13 -11.46 -16.59
N ARG C 43 -25.14 -12.52 -15.80
CA ARG C 43 -26.38 -13.22 -15.46
C ARG C 43 -26.98 -12.75 -14.14
N GLY C 44 -26.32 -11.82 -13.46
CA GLY C 44 -26.83 -11.30 -12.21
C GLY C 44 -26.26 -11.98 -10.98
N PHE C 45 -25.06 -12.52 -11.13
CA PHE C 45 -24.36 -13.20 -10.05
C PHE C 45 -23.40 -12.25 -9.29
N ALA C 46 -23.28 -12.43 -7.98
CA ALA C 46 -22.34 -11.64 -7.20
C ALA C 46 -21.08 -12.52 -7.30
N VAL C 47 -20.23 -12.25 -8.29
CA VAL C 47 -19.05 -13.07 -8.51
C VAL C 47 -17.79 -12.70 -7.72
N THR C 48 -17.05 -13.74 -7.36
CA THR C 48 -15.79 -13.63 -6.62
C THR C 48 -14.80 -14.52 -7.37
N THR C 49 -13.71 -13.94 -7.85
CA THR C 49 -12.71 -14.68 -8.60
C THR C 49 -11.42 -14.91 -7.80
N LEU C 50 -10.92 -16.13 -7.82
CA LEU C 50 -9.68 -16.47 -7.13
C LEU C 50 -8.73 -17.08 -8.14
N THR C 52 -4.99 -18.62 -9.07
CA THR C 52 -3.84 -19.33 -8.51
C THR C 52 -3.49 -18.96 -7.07
N LYS C 53 -2.50 -18.10 -6.86
CA LYS C 53 -2.09 -17.71 -5.52
C LYS C 53 -3.25 -17.40 -4.60
N ALA C 54 -4.31 -16.86 -5.17
CA ALA C 54 -5.49 -16.50 -4.40
C ALA C 54 -6.40 -17.70 -4.10
N ALA C 55 -6.31 -18.75 -4.91
CA ALA C 55 -7.14 -19.93 -4.70
C ALA C 55 -6.54 -20.91 -3.70
N THR C 56 -6.53 -20.54 -2.43
CA THR C 56 -5.96 -21.38 -1.39
C THR C 56 -7.05 -22.18 -0.67
N ARG C 57 -6.63 -23.14 0.15
CA ARG C 57 -7.59 -23.95 0.90
C ARG C 57 -8.44 -23.03 1.75
N ALA C 58 -7.80 -22.21 2.59
CA ALA C 58 -8.52 -21.30 3.47
C ALA C 58 -9.57 -20.43 2.74
N LYS C 59 -9.13 -19.66 1.75
CA LYS C 59 -10.04 -18.80 0.99
C LYS C 59 -11.20 -19.51 0.29
N VAL C 60 -10.92 -20.63 -0.36
CA VAL C 60 -11.95 -21.38 -1.06
C VAL C 60 -12.97 -21.95 -0.05
N ILE C 61 -12.48 -22.54 1.03
CA ILE C 61 -13.36 -23.11 2.05
C ILE C 61 -14.24 -22.04 2.65
N ASP C 62 -13.61 -20.92 2.97
CA ASP C 62 -14.31 -19.78 3.55
C ASP C 62 -15.35 -19.16 2.59
N ALA C 63 -14.98 -19.01 1.33
CA ALA C 63 -15.90 -18.43 0.36
C ALA C 63 -17.14 -19.29 0.24
N ILE C 64 -16.95 -20.59 0.02
CA ILE C 64 -18.09 -21.49 -0.11
C ILE C 64 -18.90 -21.45 1.18
N GLY C 65 -18.22 -21.40 2.31
CA GLY C 65 -18.91 -21.36 3.59
C GLY C 65 -19.81 -20.13 3.68
N LYS C 66 -19.26 -18.98 3.30
CA LYS C 66 -20.03 -17.74 3.33
C LYS C 66 -21.32 -17.96 2.53
N ALA C 67 -21.17 -18.37 1.28
CA ALA C 67 -22.32 -18.61 0.41
C ALA C 67 -23.37 -19.50 1.06
N ALA C 68 -22.94 -20.64 1.58
CA ALA C 68 -23.88 -21.57 2.21
C ALA C 68 -24.74 -20.88 3.26
N LYS C 69 -24.17 -19.90 3.96
CA LYS C 69 -24.89 -19.16 4.98
C LYS C 69 -25.71 -18.00 4.43
N ALA C 70 -25.18 -17.34 3.40
CA ALA C 70 -25.88 -16.21 2.81
C ALA C 70 -27.17 -16.57 2.10
N LEU C 71 -27.08 -17.29 1.00
CA LEU C 71 -28.27 -17.64 0.25
C LEU C 71 -29.14 -18.72 0.89
N GLY C 72 -30.42 -18.69 0.52
CA GLY C 72 -31.38 -19.64 1.04
C GLY C 72 -32.34 -20.13 -0.04
N LYS C 73 -33.43 -20.75 0.41
CA LYS C 73 -34.44 -21.31 -0.50
C LYS C 73 -34.75 -20.41 -1.68
N GLY C 74 -34.53 -20.91 -2.88
CA GLY C 74 -34.82 -20.14 -4.08
C GLY C 74 -33.58 -19.55 -4.72
N ASP C 75 -32.54 -19.31 -3.92
CA ASP C 75 -31.31 -18.74 -4.46
C ASP C 75 -30.51 -19.80 -5.19
N ILE C 76 -29.36 -19.41 -5.71
CA ILE C 76 -28.50 -20.31 -6.45
C ILE C 76 -27.01 -19.99 -6.32
N PHE C 77 -26.23 -21.02 -6.02
CA PHE C 77 -24.79 -20.88 -5.88
C PHE C 77 -24.11 -21.51 -7.08
N LEU C 79 -20.38 -22.62 -8.70
CA LEU C 79 -18.97 -22.88 -8.44
C LEU C 79 -18.32 -23.42 -9.69
N SER C 80 -17.35 -22.70 -10.22
CA SER C 80 -16.63 -23.17 -11.41
C SER C 80 -15.18 -23.35 -11.01
N TYR C 81 -14.52 -24.35 -11.56
CA TYR C 81 -13.13 -24.62 -11.22
C TYR C 81 -12.29 -25.11 -12.39
N SER C 82 -11.14 -24.47 -12.56
CA SER C 82 -10.20 -24.89 -13.59
C SER C 82 -8.85 -25.02 -12.89
N GLY C 83 -8.35 -26.24 -12.84
CA GLY C 83 -7.08 -26.51 -12.20
C GLY C 83 -6.80 -27.99 -12.32
N HIS C 84 -5.80 -28.45 -11.58
CA HIS C 84 -5.42 -29.86 -11.59
C HIS C 84 -6.27 -30.66 -10.63
N GLY C 85 -6.47 -31.93 -10.96
CA GLY C 85 -7.22 -32.82 -10.09
C GLY C 85 -6.16 -33.66 -9.37
N GLY C 86 -6.25 -33.74 -8.05
CA GLY C 86 -5.26 -34.52 -7.32
C GLY C 86 -5.78 -35.83 -6.74
N GLN C 87 -4.86 -36.57 -6.13
CA GLN C 87 -5.21 -37.84 -5.49
C GLN C 87 -4.28 -37.98 -4.31
N VAL C 88 -4.86 -38.37 -3.18
CA VAL C 88 -4.09 -38.58 -1.98
C VAL C 88 -4.37 -40.03 -1.56
N PRO C 89 -3.31 -40.77 -1.20
CA PRO C 89 -3.46 -42.17 -0.79
C PRO C 89 -4.48 -42.38 0.31
N ASP C 90 -5.31 -43.41 0.18
CA ASP C 90 -6.29 -43.69 1.23
C ASP C 90 -5.60 -44.54 2.29
N THR C 91 -5.12 -43.89 3.35
CA THR C 91 -4.43 -44.56 4.44
C THR C 91 -5.23 -45.67 5.12
N SER C 92 -6.47 -45.87 4.65
CA SER C 92 -7.35 -46.89 5.22
C SER C 92 -7.11 -48.28 4.64
N ASN C 93 -6.57 -48.31 3.42
CA ASN C 93 -6.27 -49.54 2.68
C ASN C 93 -4.79 -49.57 2.29
N ASP C 94 -4.32 -50.73 1.84
CA ASP C 94 -2.93 -50.85 1.41
C ASP C 94 -2.92 -51.05 -0.11
N GLU C 95 -4.08 -50.75 -0.72
CA GLU C 95 -4.24 -50.88 -2.16
C GLU C 95 -3.44 -49.79 -2.86
N PRO C 96 -2.77 -50.13 -3.97
CA PRO C 96 -1.98 -49.10 -4.65
C PRO C 96 -2.77 -47.97 -5.31
N ASP C 97 -3.94 -48.31 -5.85
CA ASP C 97 -4.77 -47.31 -6.51
C ASP C 97 -5.93 -46.83 -5.64
N GLY C 98 -5.90 -47.20 -4.36
CA GLY C 98 -6.94 -46.79 -3.44
C GLY C 98 -6.61 -45.41 -2.91
N VAL C 99 -7.27 -44.40 -3.47
CA VAL C 99 -7.00 -43.02 -3.09
C VAL C 99 -8.25 -42.16 -3.03
N ASP C 100 -8.06 -40.90 -2.63
CA ASP C 100 -9.16 -39.95 -2.55
C ASP C 100 -8.91 -38.83 -3.56
N GLU C 101 -9.92 -38.54 -4.38
CA GLU C 101 -9.81 -37.47 -5.37
C GLU C 101 -9.79 -36.12 -4.66
N THR C 102 -9.07 -35.17 -5.24
CA THR C 102 -8.95 -33.85 -4.64
C THR C 102 -8.82 -32.77 -5.70
N TRP C 103 -8.87 -31.51 -5.26
CA TRP C 103 -8.68 -30.38 -6.16
C TRP C 103 -7.32 -29.85 -5.74
N CYS C 104 -6.44 -29.59 -6.69
CA CYS C 104 -5.13 -29.11 -6.30
C CYS C 104 -5.15 -27.59 -6.18
N LEU C 105 -5.38 -27.14 -4.96
CA LEU C 105 -5.42 -25.71 -4.75
C LEU C 105 -3.97 -25.25 -4.52
N PHE C 106 -3.75 -23.94 -4.61
CA PHE C 106 -2.40 -23.41 -4.47
C PHE C 106 -1.78 -23.79 -3.15
N ASP C 107 -2.57 -23.62 -2.09
CA ASP C 107 -2.17 -23.92 -0.72
C ASP C 107 -1.88 -25.41 -0.50
N GLY C 108 -2.72 -26.26 -1.10
CA GLY C 108 -2.58 -27.70 -0.96
C GLY C 108 -3.80 -28.36 -1.59
N GLU C 109 -4.04 -29.62 -1.27
CA GLU C 109 -5.19 -30.30 -1.85
C GLU C 109 -6.45 -30.26 -1.01
N LEU C 110 -7.58 -30.09 -1.67
CA LEU C 110 -8.87 -30.06 -0.99
C LEU C 110 -9.51 -31.42 -1.27
N ILE C 111 -9.60 -32.27 -0.24
CA ILE C 111 -10.19 -33.60 -0.43
C ILE C 111 -11.65 -33.52 -0.84
N ASP C 112 -12.04 -34.32 -1.82
CA ASP C 112 -13.41 -34.29 -2.31
C ASP C 112 -14.44 -34.28 -1.19
N ASP C 113 -14.11 -34.94 -0.08
CA ASP C 113 -15.05 -34.97 1.04
C ASP C 113 -15.22 -33.59 1.66
N GLU C 114 -14.15 -32.83 1.75
CA GLU C 114 -14.23 -31.49 2.31
C GLU C 114 -15.17 -30.62 1.45
N LEU C 115 -15.09 -30.76 0.14
CA LEU C 115 -15.94 -30.00 -0.78
C LEU C 115 -17.36 -30.48 -0.66
N TYR C 116 -17.53 -31.80 -0.71
CA TYR C 116 -18.86 -32.39 -0.60
C TYR C 116 -19.56 -31.95 0.67
N ALA C 117 -18.83 -31.94 1.79
CA ALA C 117 -19.40 -31.51 3.06
C ALA C 117 -19.80 -30.04 3.00
N LEU C 118 -18.96 -29.21 2.37
CA LEU C 118 -19.25 -27.80 2.25
C LEU C 118 -20.54 -27.61 1.47
N LEU C 119 -20.72 -28.38 0.40
CA LEU C 119 -21.94 -28.25 -0.40
C LEU C 119 -23.15 -28.69 0.39
N GLY C 120 -22.91 -29.52 1.40
CA GLY C 120 -24.00 -30.00 2.23
C GLY C 120 -24.47 -28.99 3.26
N LYS C 121 -23.77 -27.87 3.36
CA LYS C 121 -24.13 -26.84 4.32
C LYS C 121 -25.11 -25.83 3.75
N PHE C 122 -25.50 -26.01 2.50
CA PHE C 122 -26.44 -25.09 1.85
C PHE C 122 -27.89 -25.39 2.24
N ALA C 123 -28.73 -24.36 2.13
CA ALA C 123 -30.16 -24.45 2.46
C ALA C 123 -30.86 -25.60 1.71
N ALA C 124 -32.15 -25.76 1.95
CA ALA C 124 -32.92 -26.82 1.31
C ALA C 124 -33.38 -26.48 -0.10
N GLY C 125 -33.99 -25.31 -0.27
CA GLY C 125 -34.45 -24.95 -1.60
C GLY C 125 -33.45 -24.16 -2.43
N VAL C 126 -32.16 -24.31 -2.11
CA VAL C 126 -31.12 -23.59 -2.85
C VAL C 126 -30.53 -24.46 -3.97
N ARG C 127 -30.34 -23.85 -5.15
CA ARG C 127 -29.78 -24.55 -6.30
C ARG C 127 -28.26 -24.38 -6.28
N VAL C 128 -27.53 -25.48 -6.45
CA VAL C 128 -26.08 -25.43 -6.46
C VAL C 128 -25.59 -25.92 -7.82
N LEU C 129 -25.01 -25.00 -8.60
CA LEU C 129 -24.49 -25.32 -9.92
C LEU C 129 -22.97 -25.36 -9.89
N VAL C 130 -22.38 -26.51 -10.20
CA VAL C 130 -20.92 -26.67 -10.16
C VAL C 130 -20.28 -27.04 -11.51
N PHE C 131 -19.30 -26.27 -11.94
CA PHE C 131 -18.58 -26.56 -13.18
C PHE C 131 -17.15 -26.92 -12.80
N SER C 132 -16.69 -28.11 -13.16
CA SER C 132 -15.34 -28.53 -12.82
C SER C 132 -14.61 -28.95 -14.08
N ASP C 133 -13.85 -28.03 -14.68
CA ASP C 133 -13.10 -28.34 -15.89
C ASP C 133 -11.75 -28.89 -15.43
N SER C 134 -11.81 -30.08 -14.85
CA SER C 134 -10.62 -30.73 -14.32
C SER C 134 -10.79 -32.23 -14.49
N CYS C 135 -9.81 -33.00 -14.00
CA CYS C 135 -9.84 -34.46 -14.10
C CYS C 135 -8.94 -35.08 -13.02
N HIS C 136 -8.84 -36.41 -13.03
CA HIS C 136 -8.02 -37.12 -12.06
C HIS C 136 -7.19 -38.20 -12.71
N SER C 137 -6.01 -38.46 -12.16
CA SER C 137 -5.14 -39.49 -12.72
C SER C 137 -5.86 -40.82 -12.76
N GLY C 138 -6.75 -41.03 -11.79
CA GLY C 138 -7.48 -42.29 -11.71
C GLY C 138 -6.53 -43.42 -11.39
N THR C 139 -6.79 -44.58 -11.97
CA THR C 139 -5.94 -45.76 -11.74
C THR C 139 -4.95 -45.97 -12.89
N VAL C 140 -4.09 -46.98 -12.74
CA VAL C 140 -3.10 -47.28 -13.76
C VAL C 140 -3.75 -47.58 -15.11
N VAL C 141 -4.98 -48.10 -15.08
CA VAL C 141 -5.67 -48.43 -16.34
C VAL C 141 -5.89 -47.18 -17.20
N LYS C 142 -6.19 -46.06 -16.54
CA LYS C 142 -6.41 -44.80 -17.27
C LYS C 142 -5.06 -44.37 -17.84
N ALA C 144 -2.72 -46.27 -18.57
CA ALA C 144 -2.43 -47.24 -19.62
C ALA C 144 -2.99 -46.78 -20.95
N TYR C 145 -4.31 -46.52 -20.98
CA TYR C 145 -4.97 -46.08 -22.19
C TYR C 145 -4.42 -44.78 -22.76
N TYR C 146 -4.07 -43.84 -21.88
CA TYR C 146 -3.53 -42.55 -22.31
C TYR C 146 -2.01 -42.57 -22.53
N ASN C 147 -1.43 -43.75 -22.38
CA ASN C 147 0.00 -43.99 -22.55
C ASN C 147 0.32 -44.52 -23.95
N ILE C 162 -0.04 -30.24 -25.36
CA ILE C 162 -1.06 -31.28 -25.16
C ILE C 162 -1.25 -31.61 -23.68
N ARG C 163 -1.28 -30.57 -22.83
CA ARG C 163 -1.45 -30.74 -21.37
C ARG C 163 -2.78 -31.35 -20.93
N TYR C 164 -2.77 -31.91 -19.72
CA TYR C 164 -3.96 -32.50 -19.11
C TYR C 164 -4.03 -31.94 -17.70
N ARG C 165 -5.24 -31.75 -17.19
CA ARG C 165 -5.44 -31.18 -15.88
C ARG C 165 -5.47 -32.18 -14.72
N ALA C 166 -4.50 -33.08 -14.71
CA ALA C 166 -4.40 -34.08 -13.66
C ALA C 166 -2.98 -34.08 -13.14
N PRO C 168 0.32 -35.55 -11.87
CA PRO C 168 0.94 -36.86 -12.11
C PRO C 168 1.07 -37.67 -10.81
N GLN C 169 0.80 -38.97 -10.91
CA GLN C 169 0.86 -39.85 -9.76
C GLN C 169 2.11 -39.72 -8.93
N SER C 170 3.26 -39.54 -9.58
CA SER C 170 4.49 -39.43 -8.83
C SER C 170 4.44 -38.23 -7.90
N VAL C 171 4.02 -37.09 -8.42
CA VAL C 171 3.89 -35.86 -7.63
C VAL C 171 2.84 -36.04 -6.52
N ALA C 172 1.77 -36.74 -6.83
CA ALA C 172 0.71 -36.96 -5.85
C ALA C 172 1.26 -37.62 -4.59
N ARG C 174 4.58 -37.96 -3.80
CA ARG C 174 5.66 -37.14 -3.28
C ARG C 174 5.07 -36.01 -2.41
N THR C 175 3.99 -35.39 -2.90
CA THR C 175 3.32 -34.31 -2.17
C THR C 175 2.78 -34.83 -0.85
N TYR C 176 2.23 -36.03 -0.87
CA TYR C 176 1.71 -36.62 0.34
C TYR C 176 2.84 -36.83 1.34
N ARG C 177 3.89 -37.53 0.93
CA ARG C 177 5.02 -37.80 1.80
C ARG C 177 5.59 -36.54 2.42
N ALA C 178 5.73 -35.49 1.61
CA ALA C 178 6.28 -34.22 2.08
C ALA C 178 5.35 -33.48 3.02
N ASN C 179 4.12 -33.96 3.13
CA ASN C 179 3.14 -33.33 4.00
C ASN C 179 2.29 -34.40 4.71
N ARG C 180 2.96 -35.46 5.18
CA ARG C 180 2.30 -36.56 5.88
C ARG C 180 1.29 -36.14 6.96
N GLU C 181 1.76 -35.42 7.96
CA GLU C 181 0.92 -34.97 9.06
C GLU C 181 -0.24 -34.10 8.57
N PHE C 182 0.05 -33.20 7.64
CA PHE C 182 -0.98 -32.31 7.12
C PHE C 182 -2.20 -33.04 6.53
N TYR C 183 -1.97 -33.93 5.56
CA TYR C 183 -3.06 -34.66 4.94
C TYR C 183 -3.65 -35.73 5.85
N ASP C 184 -2.83 -36.32 6.71
CA ASP C 184 -3.37 -37.34 7.59
C ASP C 184 -4.36 -36.71 8.54
N THR C 185 -4.09 -35.49 8.97
CA THR C 185 -5.00 -34.79 9.88
C THR C 185 -6.32 -34.51 9.17
N ILE C 186 -6.21 -34.00 7.95
CA ILE C 186 -7.38 -33.69 7.15
C ILE C 186 -8.25 -34.91 6.91
N GLN C 187 -7.66 -36.01 6.43
CA GLN C 187 -8.44 -37.22 6.16
C GLN C 187 -9.03 -37.79 7.45
N GLN C 188 -8.29 -37.65 8.55
CA GLN C 188 -8.70 -38.16 9.87
C GLN C 188 -9.79 -37.33 10.53
N LYS C 189 -10.40 -36.44 9.76
CA LYS C 189 -11.45 -35.59 10.27
C LYS C 189 -12.48 -35.19 9.21
N THR C 190 -12.88 -36.14 8.38
CA THR C 190 -13.86 -35.85 7.35
C THR C 190 -14.70 -37.09 7.07
N LYS C 191 -16.02 -36.94 7.09
CA LYS C 191 -16.91 -38.07 6.84
C LYS C 191 -17.34 -38.13 5.38
N LYS C 192 -17.35 -39.35 4.83
CA LYS C 192 -17.73 -39.61 3.44
C LYS C 192 -19.18 -39.26 3.14
N VAL C 193 -19.56 -38.01 3.41
CA VAL C 193 -20.92 -37.56 3.16
C VAL C 193 -21.33 -37.78 1.71
N ASP C 194 -22.44 -38.51 1.52
CA ASP C 194 -22.95 -38.81 0.19
C ASP C 194 -23.77 -37.64 -0.37
N LEU C 195 -23.35 -37.14 -1.51
CA LEU C 195 -24.00 -36.02 -2.18
C LEU C 195 -25.47 -36.25 -2.50
N ALA C 196 -25.88 -37.51 -2.62
CA ALA C 196 -27.29 -37.79 -2.93
C ALA C 196 -28.13 -37.51 -1.68
N ASP C 197 -27.47 -37.41 -0.53
CA ASP C 197 -28.13 -37.12 0.75
C ASP C 197 -27.88 -35.69 1.20
N VAL C 198 -28.06 -34.73 0.29
CA VAL C 198 -27.84 -33.33 0.61
C VAL C 198 -29.14 -32.56 0.37
N LYS C 199 -29.33 -31.51 1.16
CA LYS C 199 -30.52 -30.65 1.09
C LYS C 199 -30.68 -29.94 -0.25
N ALA C 200 -29.65 -29.19 -0.62
CA ALA C 200 -29.64 -28.44 -1.87
C ALA C 200 -29.70 -29.33 -3.10
N SER C 201 -30.12 -28.76 -4.22
CA SER C 201 -30.15 -29.52 -5.45
C SER C 201 -28.86 -29.16 -6.20
N ILE C 202 -27.96 -30.12 -6.26
CA ILE C 202 -26.67 -30.00 -6.90
C ILE C 202 -26.65 -30.49 -8.35
N LEU C 203 -26.11 -29.66 -9.25
CA LEU C 203 -25.98 -30.02 -10.67
C LEU C 203 -24.54 -29.79 -11.11
N LEU C 204 -23.74 -30.86 -11.12
CA LEU C 204 -22.35 -30.76 -11.55
C LEU C 204 -22.12 -31.17 -12.99
N ILE C 205 -21.42 -30.30 -13.69
CA ILE C 205 -21.06 -30.52 -15.07
C ILE C 205 -19.53 -30.46 -15.12
N SER C 206 -18.90 -31.61 -15.33
CA SER C 206 -17.44 -31.68 -15.38
C SER C 206 -16.95 -31.74 -16.83
N GLY C 207 -15.66 -31.47 -17.01
CA GLY C 207 -15.08 -31.47 -18.33
C GLY C 207 -14.91 -32.82 -18.99
N CYS C 208 -14.93 -33.89 -18.20
CA CYS C 208 -14.78 -35.22 -18.80
C CYS C 208 -15.32 -36.33 -17.91
N GLN C 209 -15.28 -37.57 -18.42
CA GLN C 209 -15.75 -38.75 -17.71
C GLN C 209 -14.63 -39.23 -16.80
N ASP C 210 -14.98 -40.09 -15.85
CA ASP C 210 -14.03 -40.66 -14.88
C ASP C 210 -12.93 -41.49 -15.53
N ASN C 211 -13.17 -41.96 -16.75
CA ASN C 211 -12.18 -42.73 -17.45
C ASN C 211 -11.50 -41.89 -18.51
N GLN C 212 -11.70 -40.57 -18.45
CA GLN C 212 -11.05 -39.70 -19.43
C GLN C 212 -10.24 -38.64 -18.74
N LEU C 213 -9.55 -37.81 -19.53
CA LEU C 213 -8.74 -36.71 -19.01
C LEU C 213 -9.24 -35.43 -19.67
N SER C 214 -9.07 -34.31 -19.00
CA SER C 214 -9.49 -33.03 -19.55
C SER C 214 -8.30 -32.28 -20.12
N GLN C 215 -8.44 -31.83 -21.35
CA GLN C 215 -7.36 -31.14 -22.02
C GLN C 215 -7.26 -29.64 -21.68
N ASP C 216 -6.05 -29.19 -21.46
CA ASP C 216 -5.80 -27.78 -21.16
C ASP C 216 -5.38 -27.12 -22.47
N GLY C 217 -6.25 -26.28 -23.01
CA GLY C 217 -5.93 -25.59 -24.25
C GLY C 217 -4.97 -24.44 -23.98
N ALA C 218 -4.61 -23.70 -25.03
CA ALA C 218 -3.68 -22.58 -24.86
C ALA C 218 -4.39 -21.31 -24.39
N PHE C 219 -5.70 -21.21 -24.63
CA PHE C 219 -6.45 -20.03 -24.21
C PHE C 219 -7.66 -20.28 -23.30
N ASN C 220 -7.95 -21.54 -23.06
CA ASN C 220 -9.02 -22.01 -22.17
C ASN C 220 -9.14 -23.51 -22.35
N GLY C 221 -9.70 -24.17 -21.34
CA GLY C 221 -9.84 -25.61 -21.41
C GLY C 221 -10.60 -26.05 -22.63
N ALA C 222 -10.43 -27.30 -23.03
CA ALA C 222 -11.15 -27.79 -24.19
C ALA C 222 -12.64 -27.67 -23.89
N PHE C 223 -13.06 -28.13 -22.70
CA PHE C 223 -14.46 -28.07 -22.30
C PHE C 223 -14.96 -26.63 -22.23
N THR C 224 -14.28 -25.80 -21.44
CA THR C 224 -14.68 -24.39 -21.29
C THR C 224 -14.77 -23.69 -22.65
N GLY C 225 -13.79 -23.93 -23.51
CA GLY C 225 -13.81 -23.33 -24.83
C GLY C 225 -15.09 -23.64 -25.60
N GLN C 226 -15.53 -24.89 -25.56
CA GLN C 226 -16.75 -25.24 -26.26
C GLN C 226 -17.98 -24.74 -25.52
N LEU C 227 -17.88 -24.62 -24.20
CA LEU C 227 -18.99 -24.12 -23.42
C LEU C 227 -19.23 -22.68 -23.92
N LEU C 228 -18.17 -21.89 -24.00
CA LEU C 228 -18.31 -20.51 -24.47
C LEU C 228 -18.79 -20.45 -25.93
N ARG C 229 -18.41 -21.43 -26.73
CA ARG C 229 -18.82 -21.41 -28.13
C ARG C 229 -20.33 -21.64 -28.32
N VAL C 230 -20.92 -22.57 -27.56
CA VAL C 230 -22.35 -22.82 -27.69
C VAL C 230 -23.12 -21.73 -26.96
N TRP C 231 -22.58 -21.23 -25.86
CA TRP C 231 -23.26 -20.18 -25.14
C TRP C 231 -23.33 -18.94 -26.04
N LYS C 232 -22.37 -18.83 -26.95
CA LYS C 232 -22.27 -17.71 -27.90
C LYS C 232 -22.60 -16.32 -27.35
N ASN C 233 -21.93 -15.94 -26.28
CA ASN C 233 -22.13 -14.62 -25.68
C ASN C 233 -23.57 -14.34 -25.27
N GLY C 234 -24.23 -15.34 -24.70
CA GLY C 234 -25.60 -15.16 -24.25
C GLY C 234 -26.70 -15.32 -25.30
N LEU C 235 -26.36 -15.78 -26.50
CA LEU C 235 -27.36 -15.96 -27.53
C LEU C 235 -27.97 -17.36 -27.51
N TYR C 236 -27.47 -18.22 -26.62
CA TYR C 236 -27.97 -19.59 -26.53
C TYR C 236 -29.36 -19.69 -25.92
N LYS C 237 -30.22 -20.43 -26.61
CA LYS C 237 -31.59 -20.64 -26.16
C LYS C 237 -31.74 -22.12 -25.81
N GLY C 238 -32.17 -22.42 -24.59
CA GLY C 238 -32.33 -23.82 -24.20
C GLY C 238 -32.18 -24.10 -22.72
N SER C 239 -32.32 -25.37 -22.34
CA SER C 239 -32.19 -25.77 -20.94
C SER C 239 -30.79 -26.26 -20.68
N TYR C 240 -30.52 -26.62 -19.41
CA TYR C 240 -29.20 -27.13 -19.06
C TYR C 240 -28.90 -28.43 -19.81
N ARG C 241 -29.89 -29.30 -19.92
CA ARG C 241 -29.67 -30.55 -20.61
C ARG C 241 -29.31 -30.29 -22.04
N SER C 242 -30.05 -29.39 -22.70
CA SER C 242 -29.75 -29.08 -24.09
C SER C 242 -28.37 -28.43 -24.20
N PHE C 243 -28.04 -27.60 -23.22
CA PHE C 243 -26.78 -26.92 -23.22
C PHE C 243 -25.68 -27.98 -23.23
N HIS C 244 -25.76 -28.89 -22.28
CA HIS C 244 -24.82 -29.98 -22.15
C HIS C 244 -24.74 -30.81 -23.44
N LYS C 245 -25.89 -31.26 -23.95
CA LYS C 245 -25.90 -32.07 -25.17
C LYS C 245 -25.26 -31.36 -26.37
N ALA C 246 -25.44 -30.04 -26.45
CA ALA C 246 -24.88 -29.25 -27.53
C ALA C 246 -23.35 -29.17 -27.43
N ILE C 247 -22.84 -29.17 -26.20
CA ILE C 247 -21.41 -29.11 -26.00
C ILE C 247 -20.78 -30.45 -26.35
N VAL C 248 -21.22 -31.52 -25.69
CA VAL C 248 -20.66 -32.84 -25.95
C VAL C 248 -20.68 -33.16 -27.43
N ARG C 249 -21.66 -32.65 -28.15
CA ARG C 249 -21.76 -32.92 -29.58
C ARG C 249 -20.52 -32.41 -30.33
N ARG C 250 -19.92 -31.35 -29.81
CA ARG C 250 -18.75 -30.73 -30.43
C ARG C 250 -17.41 -31.28 -29.93
N PRO C 252 -14.49 -34.03 -28.63
CA PRO C 252 -13.90 -35.26 -29.17
C PRO C 252 -14.33 -36.45 -28.31
N PRO C 253 -14.41 -37.65 -28.91
CA PRO C 253 -14.81 -38.85 -28.16
C PRO C 253 -13.95 -39.23 -26.95
N ASP C 254 -12.71 -38.72 -26.91
CA ASP C 254 -11.79 -39.01 -25.81
C ASP C 254 -11.98 -38.04 -24.64
N GLN C 255 -12.88 -37.07 -24.82
CA GLN C 255 -13.18 -36.11 -23.77
C GLN C 255 -14.65 -35.71 -23.84
N THR C 256 -15.47 -36.26 -22.94
CA THR C 256 -16.90 -35.97 -22.92
C THR C 256 -17.30 -35.40 -21.56
N PRO C 257 -17.76 -34.15 -21.53
CA PRO C 257 -18.16 -33.57 -20.25
C PRO C 257 -19.37 -34.32 -19.71
N ASN C 258 -19.44 -34.42 -18.39
CA ASN C 258 -20.51 -35.16 -17.74
C ASN C 258 -21.58 -34.29 -17.11
N PHE C 259 -22.80 -34.82 -17.08
CA PHE C 259 -23.96 -34.14 -16.52
C PHE C 259 -24.42 -34.99 -15.32
N PHE C 260 -24.03 -34.58 -14.12
CA PHE C 260 -24.35 -35.31 -12.88
C PHE C 260 -25.24 -34.47 -11.95
N THR C 261 -26.32 -35.07 -11.44
CA THR C 261 -27.23 -34.38 -10.53
C THR C 261 -27.23 -35.07 -9.17
N ALA C 262 -27.25 -34.31 -8.10
CA ALA C 262 -27.24 -34.89 -6.76
C ALA C 262 -28.15 -34.08 -5.83
N GLY C 263 -28.32 -34.55 -4.60
CA GLY C 263 -29.18 -33.86 -3.65
C GLY C 263 -30.66 -33.95 -3.98
N THR C 264 -31.45 -32.99 -3.47
CA THR C 264 -32.89 -32.99 -3.72
C THR C 264 -33.21 -32.64 -5.16
N PRO C 265 -33.83 -33.57 -5.91
CA PRO C 265 -34.17 -33.32 -7.30
C PRO C 265 -34.96 -32.04 -7.51
N ASP C 266 -34.68 -31.36 -8.62
CA ASP C 266 -35.35 -30.10 -8.94
C ASP C 266 -35.48 -30.01 -10.46
N PRO C 267 -36.53 -30.64 -11.01
CA PRO C 267 -36.74 -30.61 -12.46
C PRO C 267 -36.87 -29.21 -13.03
N ALA C 268 -37.37 -28.28 -12.22
CA ALA C 268 -37.53 -26.90 -12.68
C ALA C 268 -36.16 -26.27 -12.93
N PHE C 269 -35.20 -26.62 -12.08
CA PHE C 269 -33.85 -26.12 -12.16
C PHE C 269 -33.14 -26.63 -13.42
N LEU C 270 -33.23 -27.93 -13.67
CA LEU C 270 -32.59 -28.51 -14.83
C LEU C 270 -33.28 -28.07 -16.11
N LYS C 271 -34.46 -27.48 -15.95
CA LYS C 271 -35.23 -27.00 -17.10
C LYS C 271 -34.96 -25.53 -17.43
N GLN C 272 -34.30 -24.83 -16.50
CA GLN C 272 -33.99 -23.41 -16.70
C GLN C 272 -32.91 -23.21 -17.74
N ARG C 273 -32.62 -21.95 -18.04
CA ARG C 273 -31.58 -21.61 -18.99
C ARG C 273 -30.23 -21.75 -18.25
N PRO C 274 -29.23 -22.34 -18.90
CA PRO C 274 -27.90 -22.56 -18.32
C PRO C 274 -27.36 -21.62 -17.23
N PHE C 275 -27.74 -20.36 -17.19
CA PHE C 275 -27.19 -19.53 -16.11
C PHE C 275 -28.20 -18.65 -15.41
N THR C 276 -29.45 -19.12 -15.38
CA THR C 276 -30.59 -18.41 -14.79
C THR C 276 -30.50 -18.21 -13.28
N VAL C 277 -30.91 -17.04 -12.82
CA VAL C 277 -30.88 -16.72 -11.40
C VAL C 277 -32.31 -16.52 -10.92
N LEU C 278 -33.12 -15.86 -11.75
CA LEU C 278 -34.52 -15.60 -11.43
C LEU C 278 -35.45 -16.42 -12.33
N GLU C 279 -36.47 -17.03 -11.71
CA GLU C 279 -37.44 -17.84 -12.44
C GLU C 279 -38.34 -16.95 -13.29
#